data_8ZB6
#
_entry.id   8ZB6
#
_cell.length_a   1.00
_cell.length_b   1.00
_cell.length_c   1.00
_cell.angle_alpha   90.00
_cell.angle_beta   90.00
_cell.angle_gamma   90.00
#
_symmetry.space_group_name_H-M   'P 1'
#
loop_
_entity.id
_entity.type
_entity.pdbx_description
1 polymer VP1
2 polymer VP3
3 polymer VP2
4 non-polymer SPHINGOSINE
#
loop_
_entity_poly.entity_id
_entity_poly.type
_entity_poly.pdbx_seq_one_letter_code
_entity_poly.pdbx_strand_id
1 'polypeptide(L)'
;GLGDLIEGVVEGVTRNALTPLTPANNLPDTQSSGPAHSKEIPALTAVETGATNPLVPSDTVQTRHVIQKRTRSESTVESF
FARGACVAIIEVDNDAPTKRASKLFSVWKITYKDTVQLRRKLEFFTYSRFDMELTFVVTSNYTDANNGHALNQVYQIMFI
PPGAPIPGKWNDYTWQTSSNPSVFYTYGAPPARISVPYVGIANAYSHFYDGFAKVPLAGQASTEGDSLYGAASLNDFGSL
AVRVVNDHNPTKLTSKIRVYMKPKHVRVWCPRPPRAVPYYGPGVDYKDGLAPLPEKGLTTY
;
A
2 'polypeptide(L)'
;GLPVLNTPGSNQYLTADNYQSPCAIPEFDVTPPIDIPGEVRNMMELAEIDTMIPLNLTNQRKNTMDMYRVELNDAAHSDT
PILCFSLSPASDPRLAHTMLGEILNYYTHWAGSLKFTFLFCGSMMATGKLLVSYAPPGAEAPKSRKEAMLGTHVIWDIGL
QSSCTMVVPWISNTTYRLTINDSFTEGGYISMFYQTRVVVPLSTPRKMDILGFVSACNDFSVRLLRDTTHISQEAMPQ
;
C
3 'polypeptide(L)'
;SPNIEACGYSDRVMQLTLGNSTITTQEAANSVVAYGRWPEYIKDSEANPVDQPTEPDVAACRFYTLDTVTWRKESRGWWW
KLPDALKDMGLFGQNMFYHYLGRAGYTVHVQCNASKFHQGALGVFAVPEMCLAGDSTTHMFTKYENANPGEKGGEFKGSF
TLDTNATNPARNFCPVDYLFGSGVLAGNAFVYPHQIINLRTNNCATLVLPYVNSLSIDSMTKHNNWGIAILPLAPLDFAT
ESSTEIPITLTIAPMCCEFNGLRNITVPRTQ
;
B
#
loop_
_chem_comp.id
_chem_comp.type
_chem_comp.name
_chem_comp.formula
SPH non-polymer SPHINGOSINE 'C18 H37 N O2'
#
# COMPACT_ATOMS: atom_id res chain seq x y z
N LYS A 69 -4.54 9.01 28.40
CA LYS A 69 -5.49 9.01 27.26
C LYS A 69 -4.93 8.22 26.08
N ARG A 70 -3.65 7.86 26.15
CA ARG A 70 -2.99 7.21 25.02
C ARG A 70 -3.32 5.73 24.97
N THR A 71 -2.90 4.98 25.99
CA THR A 71 -3.23 3.56 26.09
C THR A 71 -2.69 2.78 24.89
N ARG A 72 -3.23 3.05 23.71
CA ARG A 72 -2.83 2.37 22.48
C ARG A 72 -2.95 0.85 22.63
N SER A 73 -4.07 0.40 23.20
CA SER A 73 -4.36 -1.03 23.31
C SER A 73 -5.21 -1.54 22.16
N GLU A 74 -6.10 -0.72 21.63
CA GLU A 74 -6.94 -1.09 20.50
C GLU A 74 -6.31 -0.77 19.15
N SER A 75 -5.19 -0.04 19.15
CA SER A 75 -4.50 0.33 17.92
C SER A 75 -3.38 -0.65 17.56
N THR A 76 -3.19 -1.70 18.34
CA THR A 76 -2.14 -2.66 18.06
C THR A 76 -2.49 -3.50 16.83
N VAL A 77 -1.48 -4.15 16.28
CA VAL A 77 -1.68 -5.00 15.11
C VAL A 77 -2.66 -6.11 15.44
N GLU A 78 -2.51 -6.74 16.60
CA GLU A 78 -3.43 -7.80 17.00
C GLU A 78 -4.86 -7.28 17.05
N SER A 79 -5.09 -6.16 17.73
CA SER A 79 -6.44 -5.61 17.83
C SER A 79 -6.98 -5.22 16.45
N PHE A 80 -6.14 -4.61 15.62
CA PHE A 80 -6.59 -4.17 14.31
C PHE A 80 -7.00 -5.35 13.44
N PHE A 81 -6.24 -6.45 13.49
CA PHE A 81 -6.47 -7.57 12.58
C PHE A 81 -7.30 -8.68 13.21
N ALA A 82 -7.34 -8.77 14.54
CA ALA A 82 -8.07 -9.85 15.22
C ALA A 82 -9.57 -9.53 15.21
N ARG A 83 -10.16 -9.67 14.03
CA ARG A 83 -11.58 -9.46 13.84
C ARG A 83 -12.08 -10.38 12.73
N GLY A 84 -13.21 -11.04 12.97
CA GLY A 84 -13.77 -11.93 11.97
C GLY A 84 -14.33 -11.15 10.80
N ALA A 85 -14.08 -11.67 9.59
CA ALA A 85 -14.55 -11.03 8.37
C ALA A 85 -14.91 -12.11 7.36
N CYS A 86 -16.04 -11.92 6.68
CA CYS A 86 -16.47 -12.87 5.67
C CYS A 86 -15.65 -12.71 4.40
N VAL A 87 -15.09 -13.82 3.92
CA VAL A 87 -14.25 -13.81 2.73
C VAL A 87 -14.89 -14.51 1.55
N ALA A 88 -15.77 -15.49 1.78
CA ALA A 88 -16.40 -16.20 0.67
C ALA A 88 -17.69 -16.84 1.16
N ILE A 89 -18.56 -17.14 0.18
CA ILE A 89 -19.82 -17.85 0.42
C ILE A 89 -19.88 -19.00 -0.56
N ILE A 90 -19.96 -20.22 -0.04
CA ILE A 90 -20.01 -21.44 -0.84
C ILE A 90 -21.46 -21.92 -0.85
N GLU A 91 -22.02 -22.07 -2.04
CA GLU A 91 -23.41 -22.48 -2.23
C GLU A 91 -23.46 -23.91 -2.71
N VAL A 92 -24.32 -24.72 -2.08
CA VAL A 92 -24.51 -26.12 -2.45
C VAL A 92 -26.01 -26.40 -2.49
N ASP A 93 -26.37 -27.48 -3.17
CA ASP A 93 -27.75 -27.88 -3.33
C ASP A 93 -27.94 -29.35 -3.02
N ASN A 94 -29.08 -29.66 -2.41
CA ASN A 94 -29.51 -31.02 -2.12
C ASN A 94 -30.68 -31.31 -3.05
N ASP A 95 -30.45 -32.11 -4.08
CA ASP A 95 -31.46 -32.38 -5.09
C ASP A 95 -31.10 -33.69 -5.79
N ALA A 96 -32.00 -34.13 -6.66
CA ALA A 96 -31.77 -35.36 -7.40
C ALA A 96 -30.56 -35.21 -8.33
N PRO A 97 -29.67 -36.20 -8.39
CA PRO A 97 -28.52 -36.07 -9.30
C PRO A 97 -28.90 -35.91 -10.76
N THR A 98 -30.05 -36.45 -11.18
CA THR A 98 -30.44 -36.41 -12.57
C THR A 98 -30.67 -34.99 -13.08
N LYS A 99 -30.85 -34.02 -12.19
CA LYS A 99 -31.05 -32.63 -12.57
C LYS A 99 -29.68 -31.98 -12.76
N ARG A 100 -29.25 -31.87 -14.01
CA ARG A 100 -27.92 -31.33 -14.31
C ARG A 100 -27.81 -29.86 -13.93
N ALA A 101 -28.93 -29.17 -13.72
CA ALA A 101 -28.90 -27.76 -13.38
C ALA A 101 -28.57 -27.51 -11.90
N SER A 102 -28.51 -28.56 -11.09
CA SER A 102 -28.21 -28.42 -9.67
C SER A 102 -26.77 -28.80 -9.40
N LYS A 103 -26.16 -28.11 -8.43
CA LYS A 103 -24.78 -28.35 -8.01
C LYS A 103 -24.83 -29.10 -6.68
N LEU A 104 -24.48 -30.39 -6.70
CA LEU A 104 -24.51 -31.19 -5.48
C LEU A 104 -23.32 -30.87 -4.59
N PHE A 105 -22.19 -30.47 -5.17
CA PHE A 105 -21.01 -30.12 -4.39
C PHE A 105 -20.37 -28.90 -5.03
N SER A 106 -19.58 -28.19 -4.23
CA SER A 106 -18.92 -26.98 -4.68
C SER A 106 -17.46 -27.01 -4.26
N VAL A 107 -16.62 -26.31 -5.02
CA VAL A 107 -15.20 -26.18 -4.71
C VAL A 107 -14.83 -24.70 -4.80
N TRP A 108 -14.18 -24.19 -3.76
CA TRP A 108 -13.79 -22.79 -3.69
C TRP A 108 -12.29 -22.72 -3.41
N LYS A 109 -11.58 -21.95 -4.21
CA LYS A 109 -10.15 -21.74 -4.02
C LYS A 109 -9.96 -20.77 -2.85
N ILE A 110 -9.07 -21.14 -1.92
CA ILE A 110 -8.89 -20.34 -0.71
C ILE A 110 -8.16 -19.05 -1.07
N THR A 111 -8.75 -17.92 -0.69
CA THR A 111 -8.15 -16.62 -0.93
C THR A 111 -8.97 -15.57 -0.21
N TYR A 112 -8.29 -14.48 0.18
CA TYR A 112 -8.93 -13.38 0.87
C TYR A 112 -9.28 -12.22 -0.06
N LYS A 113 -8.98 -12.36 -1.36
CA LYS A 113 -9.16 -11.26 -2.31
C LYS A 113 -10.58 -11.22 -2.89
N ASP A 114 -11.45 -12.15 -2.51
CA ASP A 114 -12.82 -12.10 -2.99
C ASP A 114 -13.64 -11.03 -2.27
N THR A 115 -13.17 -10.56 -1.12
CA THR A 115 -13.82 -9.50 -0.36
C THR A 115 -13.00 -8.21 -0.46
N VAL A 116 -13.45 -7.18 0.24
CA VAL A 116 -12.77 -5.88 0.21
C VAL A 116 -12.36 -5.40 1.60
N GLN A 117 -13.05 -5.80 2.66
CA GLN A 117 -12.68 -5.34 3.99
C GLN A 117 -11.35 -5.94 4.43
N LEU A 118 -11.29 -7.26 4.53
CA LEU A 118 -10.06 -7.91 4.99
C LEU A 118 -8.93 -7.70 3.97
N ARG A 119 -9.26 -7.67 2.68
CA ARG A 119 -8.24 -7.41 1.67
C ARG A 119 -7.61 -6.04 1.89
N ARG A 120 -8.45 -5.02 2.11
CA ARG A 120 -7.93 -3.68 2.35
C ARG A 120 -7.10 -3.64 3.63
N LYS A 121 -7.56 -4.32 4.68
CA LYS A 121 -6.81 -4.34 5.93
C LYS A 121 -5.44 -5.00 5.73
N LEU A 122 -5.41 -6.11 5.00
CA LEU A 122 -4.16 -6.85 4.84
C LEU A 122 -3.18 -6.10 3.94
N GLU A 123 -3.68 -5.44 2.89
CA GLU A 123 -2.79 -4.77 1.96
C GLU A 123 -2.12 -3.54 2.56
N PHE A 124 -2.42 -3.19 3.82
CA PHE A 124 -1.71 -2.10 4.48
C PHE A 124 -0.24 -2.39 4.67
N PHE A 125 0.18 -3.66 4.60
CA PHE A 125 1.57 -4.05 4.76
C PHE A 125 1.94 -5.03 3.67
N THR A 126 3.21 -5.00 3.26
CA THR A 126 3.64 -5.85 2.16
C THR A 126 3.84 -7.30 2.62
N TYR A 127 4.35 -7.50 3.84
CA TYR A 127 4.62 -8.85 4.33
C TYR A 127 3.92 -9.06 5.67
N SER A 128 3.53 -10.30 5.93
CA SER A 128 2.80 -10.61 7.15
C SER A 128 3.02 -12.07 7.54
N ARG A 129 2.88 -12.34 8.83
CA ARG A 129 2.88 -13.68 9.40
C ARG A 129 1.74 -13.75 10.41
N PHE A 130 1.05 -14.89 10.45
CA PHE A 130 -0.05 -15.04 11.39
C PHE A 130 -0.60 -16.46 11.31
N ASP A 131 -1.22 -16.88 12.41
CA ASP A 131 -2.09 -18.05 12.42
C ASP A 131 -3.50 -17.62 12.04
N MET A 132 -4.32 -18.60 11.66
CA MET A 132 -5.65 -18.31 11.13
C MET A 132 -6.69 -19.16 11.86
N GLU A 133 -7.87 -18.58 12.07
CA GLU A 133 -9.05 -19.32 12.49
C GLU A 133 -10.12 -19.20 11.40
N LEU A 134 -10.66 -20.34 11.00
CA LEU A 134 -11.75 -20.38 10.02
C LEU A 134 -13.02 -20.70 10.75
N THR A 135 -14.09 -19.94 10.46
CA THR A 135 -15.42 -20.23 10.98
C THR A 135 -16.37 -20.43 9.82
N PHE A 136 -17.22 -21.45 9.92
CA PHE A 136 -18.16 -21.80 8.86
C PHE A 136 -19.58 -21.58 9.38
N VAL A 137 -20.22 -20.52 8.92
CA VAL A 137 -21.60 -20.23 9.30
C VAL A 137 -22.52 -20.79 8.22
N VAL A 138 -23.32 -21.78 8.56
CA VAL A 138 -24.12 -22.55 7.61
C VAL A 138 -25.57 -22.12 7.74
N THR A 139 -26.21 -21.85 6.60
CA THR A 139 -27.63 -21.57 6.53
C THR A 139 -28.22 -22.39 5.39
N SER A 140 -29.52 -22.65 5.46
CA SER A 140 -30.19 -23.46 4.45
C SER A 140 -31.64 -23.02 4.34
N ASN A 141 -32.24 -23.33 3.20
CA ASN A 141 -33.63 -22.97 2.95
C ASN A 141 -34.20 -23.90 1.88
N TYR A 142 -35.51 -23.88 1.74
CA TYR A 142 -36.24 -24.68 0.76
C TYR A 142 -36.48 -23.87 -0.51
N THR A 143 -36.64 -24.58 -1.62
CA THR A 143 -37.06 -23.97 -2.87
C THR A 143 -38.56 -24.06 -3.09
N ASP A 144 -39.30 -24.66 -2.16
CA ASP A 144 -40.75 -24.79 -2.27
C ASP A 144 -41.33 -24.92 -0.89
N ALA A 145 -42.65 -24.69 -0.79
CA ALA A 145 -43.36 -24.77 0.48
C ALA A 145 -44.53 -25.75 0.43
N ASN A 146 -44.65 -26.53 -0.64
CA ASN A 146 -45.74 -27.49 -0.79
C ASN A 146 -45.29 -28.93 -0.61
N ASN A 147 -44.10 -29.16 -0.05
CA ASN A 147 -43.55 -30.49 0.12
C ASN A 147 -43.20 -30.78 1.58
N GLY A 148 -44.02 -30.28 2.51
CA GLY A 148 -43.78 -30.56 3.91
C GLY A 148 -42.43 -30.03 4.36
N HIS A 149 -41.68 -30.89 5.07
CA HIS A 149 -40.38 -30.52 5.61
C HIS A 149 -39.38 -31.64 5.33
N ALA A 150 -38.12 -31.26 5.28
CA ALA A 150 -37.02 -32.20 5.04
C ALA A 150 -36.34 -32.57 6.36
N LEU A 151 -35.46 -33.56 6.27
CA LEU A 151 -34.73 -34.05 7.42
C LEU A 151 -33.51 -33.17 7.69
N ASN A 152 -32.91 -33.37 8.86
CA ASN A 152 -31.72 -32.59 9.22
C ASN A 152 -30.60 -32.85 8.24
N GLN A 153 -29.90 -31.78 7.87
CA GLN A 153 -28.84 -31.84 6.88
C GLN A 153 -27.48 -31.92 7.54
N VAL A 154 -26.57 -32.69 6.95
CA VAL A 154 -25.20 -32.82 7.41
C VAL A 154 -24.28 -32.43 6.26
N TYR A 155 -23.32 -31.56 6.55
CA TYR A 155 -22.43 -30.99 5.55
C TYR A 155 -21.01 -31.44 5.82
N GLN A 156 -20.27 -31.69 4.73
CA GLN A 156 -18.86 -32.07 4.80
C GLN A 156 -18.03 -31.02 4.08
N ILE A 157 -17.00 -30.51 4.77
CA ILE A 157 -16.07 -29.54 4.22
C ILE A 157 -14.69 -30.18 4.25
N MET A 158 -14.12 -30.43 3.08
CA MET A 158 -12.84 -31.13 2.95
C MET A 158 -11.80 -30.16 2.42
N PHE A 159 -10.61 -30.19 3.04
CA PHE A 159 -9.49 -29.37 2.61
C PHE A 159 -8.67 -30.12 1.57
N ILE A 160 -8.37 -29.44 0.46
CA ILE A 160 -7.59 -30.05 -0.62
C ILE A 160 -6.30 -29.24 -0.75
N PRO A 161 -5.17 -29.71 -0.21
CA PRO A 161 -3.91 -28.98 -0.37
C PRO A 161 -3.39 -29.10 -1.79
N PRO A 162 -2.37 -28.33 -2.16
CA PRO A 162 -1.86 -28.40 -3.52
C PRO A 162 -1.45 -29.81 -3.89
N GLY A 163 -1.84 -30.23 -5.10
CA GLY A 163 -1.52 -31.55 -5.60
C GLY A 163 -2.49 -32.64 -5.18
N ALA A 164 -3.44 -32.35 -4.30
CA ALA A 164 -4.40 -33.35 -3.87
C ALA A 164 -5.55 -33.46 -4.87
N PRO A 165 -6.22 -34.62 -4.91
CA PRO A 165 -7.31 -34.80 -5.88
C PRO A 165 -8.42 -33.79 -5.70
N ILE A 166 -9.00 -33.35 -6.81
CA ILE A 166 -10.17 -32.48 -6.84
C ILE A 166 -11.40 -33.36 -7.02
N PRO A 167 -12.39 -33.29 -6.12
CA PRO A 167 -13.60 -34.10 -6.31
C PRO A 167 -14.25 -33.81 -7.65
N GLY A 168 -14.68 -34.88 -8.33
CA GLY A 168 -15.33 -34.75 -9.62
C GLY A 168 -16.82 -35.05 -9.54
N LYS A 169 -17.18 -35.97 -8.65
CA LYS A 169 -18.56 -36.35 -8.41
C LYS A 169 -18.89 -36.16 -6.94
N TRP A 170 -20.19 -36.12 -6.63
CA TRP A 170 -20.64 -35.89 -5.28
C TRP A 170 -20.28 -37.03 -4.32
N ASN A 171 -20.03 -38.23 -4.83
CA ASN A 171 -19.75 -39.38 -3.98
C ASN A 171 -18.61 -40.20 -4.57
N ASP A 172 -17.55 -39.52 -5.01
CA ASP A 172 -16.39 -40.19 -5.57
C ASP A 172 -15.39 -40.53 -4.46
N TYR A 173 -14.28 -41.14 -4.86
CA TYR A 173 -13.28 -41.58 -3.88
C TYR A 173 -12.66 -40.43 -3.12
N THR A 174 -12.60 -39.24 -3.71
CA THR A 174 -11.91 -38.12 -3.07
C THR A 174 -12.52 -37.75 -1.73
N TRP A 175 -13.77 -38.15 -1.47
CA TRP A 175 -14.44 -37.83 -0.21
C TRP A 175 -14.13 -38.84 0.89
N GLN A 176 -13.30 -39.85 0.62
CA GLN A 176 -12.94 -40.80 1.66
C GLN A 176 -12.13 -40.15 2.77
N THR A 177 -11.49 -39.01 2.50
CA THR A 177 -10.72 -38.28 3.51
C THR A 177 -9.69 -39.18 4.17
N SER A 178 -8.97 -39.95 3.35
CA SER A 178 -7.93 -40.83 3.87
C SER A 178 -6.84 -40.02 4.56
N SER A 179 -6.42 -38.90 3.94
CA SER A 179 -5.42 -38.03 4.53
C SER A 179 -5.77 -36.55 4.42
N ASN A 180 -6.89 -36.20 3.79
CA ASN A 180 -7.29 -34.80 3.65
C ASN A 180 -8.08 -34.38 4.88
N PRO A 181 -7.70 -33.30 5.57
CA PRO A 181 -8.50 -32.84 6.72
C PRO A 181 -9.93 -32.56 6.29
N SER A 182 -10.87 -32.92 7.16
CA SER A 182 -12.28 -32.76 6.86
C SER A 182 -13.02 -32.37 8.13
N VAL A 183 -14.09 -31.59 7.96
CA VAL A 183 -14.95 -31.16 9.05
C VAL A 183 -16.38 -31.53 8.71
N PHE A 184 -17.07 -32.17 9.65
CA PHE A 184 -18.46 -32.55 9.50
C PHE A 184 -19.33 -31.68 10.40
N TYR A 185 -20.38 -31.11 9.82
CA TYR A 185 -21.25 -30.17 10.50
C TYR A 185 -22.69 -30.66 10.45
N THR A 186 -23.38 -30.56 11.58
CA THR A 186 -24.79 -30.89 11.69
C THR A 186 -25.59 -29.60 11.81
N TYR A 187 -26.62 -29.45 10.98
CA TYR A 187 -27.41 -28.24 10.97
C TYR A 187 -27.99 -27.97 12.36
N GLY A 188 -27.90 -26.72 12.81
CA GLY A 188 -28.36 -26.31 14.12
C GLY A 188 -27.27 -26.22 15.17
N ALA A 189 -26.13 -26.86 14.95
CA ALA A 189 -25.04 -26.81 15.91
C ALA A 189 -24.30 -25.48 15.81
N PRO A 190 -23.53 -25.13 16.84
CA PRO A 190 -22.73 -23.90 16.77
C PRO A 190 -21.79 -23.94 15.58
N PRO A 191 -21.55 -22.81 14.92
CA PRO A 191 -20.75 -22.83 13.68
C PRO A 191 -19.39 -23.48 13.91
N ALA A 192 -18.98 -24.32 12.96
CA ALA A 192 -17.72 -25.03 13.10
C ALA A 192 -16.56 -24.04 13.03
N ARG A 193 -15.57 -24.25 13.88
CA ARG A 193 -14.39 -23.40 13.93
C ARG A 193 -13.14 -24.28 13.97
N ILE A 194 -12.14 -23.89 13.17
CA ILE A 194 -10.87 -24.61 13.11
C ILE A 194 -9.74 -23.59 13.15
N SER A 195 -8.56 -24.06 13.53
CA SER A 195 -7.36 -23.24 13.59
C SER A 195 -6.25 -23.86 12.75
N VAL A 196 -5.51 -23.02 12.04
CA VAL A 196 -4.41 -23.46 11.18
C VAL A 196 -3.20 -22.59 11.48
N PRO A 197 -1.99 -23.15 11.56
CA PRO A 197 -0.80 -22.31 11.79
C PRO A 197 -0.29 -21.72 10.49
N TYR A 198 0.85 -21.04 10.60
CA TYR A 198 1.52 -20.50 9.42
C TYR A 198 1.93 -21.62 8.50
N VAL A 199 1.45 -21.57 7.25
CA VAL A 199 1.69 -22.65 6.29
C VAL A 199 2.33 -22.08 5.03
N GLY A 200 3.02 -20.95 5.15
CA GLY A 200 3.68 -20.35 4.01
C GLY A 200 5.03 -21.00 3.76
N ILE A 201 5.30 -21.32 2.49
CA ILE A 201 6.58 -21.90 2.12
C ILE A 201 7.71 -20.93 2.41
N ALA A 202 7.49 -19.64 2.17
CA ALA A 202 8.49 -18.63 2.48
C ALA A 202 8.47 -18.33 3.97
N ASN A 203 9.32 -17.40 4.40
CA ASN A 203 9.43 -17.02 5.80
C ASN A 203 8.36 -16.02 6.22
N ALA A 204 7.57 -15.50 5.28
CA ALA A 204 6.50 -14.56 5.61
C ALA A 204 5.56 -14.47 4.43
N TYR A 205 4.27 -14.30 4.73
CA TYR A 205 3.27 -14.17 3.67
C TYR A 205 3.50 -12.89 2.89
N SER A 206 3.35 -12.98 1.57
CA SER A 206 3.51 -11.83 0.68
C SER A 206 2.19 -11.49 0.02
N HIS A 207 1.76 -10.24 0.19
CA HIS A 207 0.54 -9.74 -0.45
C HIS A 207 0.79 -9.14 -1.83
N PHE A 208 2.04 -8.85 -2.16
CA PHE A 208 2.40 -8.32 -3.47
C PHE A 208 3.65 -9.03 -3.96
N TYR A 209 3.71 -9.25 -5.28
CA TYR A 209 4.84 -9.93 -5.90
C TYR A 209 5.18 -9.19 -7.19
N ASP A 210 6.27 -8.42 -7.17
CA ASP A 210 6.73 -7.68 -8.34
C ASP A 210 7.64 -8.61 -9.14
N GLY A 211 7.01 -9.53 -9.87
CA GLY A 211 7.77 -10.48 -10.65
C GLY A 211 6.85 -11.40 -11.41
N PHE A 212 7.46 -12.40 -12.05
CA PHE A 212 6.76 -13.39 -12.86
C PHE A 212 7.18 -14.78 -12.45
N ALA A 213 6.23 -15.72 -12.51
CA ALA A 213 6.55 -17.11 -12.24
C ALA A 213 7.50 -17.67 -13.29
N LYS A 214 7.30 -17.31 -14.56
CA LYS A 214 8.13 -17.77 -15.66
C LYS A 214 8.71 -16.56 -16.38
N VAL A 215 10.00 -16.64 -16.70
CA VAL A 215 10.72 -15.59 -17.40
C VAL A 215 11.00 -16.08 -18.82
N PRO A 216 10.39 -15.50 -19.85
CA PRO A 216 10.69 -15.95 -21.22
C PRO A 216 12.16 -15.74 -21.56
N LEU A 217 12.72 -16.68 -22.31
CA LEU A 217 14.12 -16.68 -22.66
C LEU A 217 14.28 -16.61 -24.18
N ALA A 218 15.39 -16.01 -24.62
CA ALA A 218 15.66 -15.89 -26.04
C ALA A 218 15.71 -17.27 -26.69
N GLY A 219 15.09 -17.38 -27.86
CA GLY A 219 15.02 -18.63 -28.58
C GLY A 219 13.80 -19.48 -28.25
N GLN A 220 13.02 -19.11 -27.24
CA GLN A 220 11.82 -19.85 -26.89
C GLN A 220 10.67 -19.45 -27.80
N ALA A 221 9.76 -20.39 -28.02
CA ALA A 221 8.60 -20.13 -28.86
C ALA A 221 7.69 -19.10 -28.20
N SER A 222 6.96 -18.35 -29.03
CA SER A 222 6.05 -17.34 -28.53
C SER A 222 4.89 -17.93 -27.73
N THR A 223 4.64 -19.23 -27.83
CA THR A 223 3.56 -19.89 -27.10
C THR A 223 4.02 -20.49 -25.78
N GLU A 224 5.29 -20.28 -25.40
CA GLU A 224 5.83 -20.83 -24.17
C GLU A 224 6.60 -19.74 -23.44
N GLY A 225 6.69 -19.90 -22.12
CA GLY A 225 7.38 -18.95 -21.28
C GLY A 225 6.53 -17.78 -20.81
N ASP A 226 5.28 -17.70 -21.24
CA ASP A 226 4.41 -16.59 -20.85
C ASP A 226 3.76 -16.86 -19.50
N SER A 227 3.72 -15.83 -18.66
CA SER A 227 3.07 -15.92 -17.38
C SER A 227 2.55 -14.54 -17.00
N LEU A 228 1.46 -14.52 -16.24
CA LEU A 228 0.85 -13.28 -15.82
C LEU A 228 1.72 -12.56 -14.81
N TYR A 229 1.63 -11.24 -14.79
CA TYR A 229 2.40 -10.44 -13.85
C TYR A 229 2.03 -10.83 -12.43
N GLY A 230 3.03 -11.23 -11.65
CA GLY A 230 2.84 -11.69 -10.30
C GLY A 230 2.54 -13.17 -10.18
N ALA A 231 1.77 -13.72 -11.13
CA ALA A 231 1.39 -15.12 -11.12
C ALA A 231 0.94 -15.55 -9.72
N ALA A 232 1.23 -16.79 -9.34
CA ALA A 232 0.89 -17.27 -8.01
C ALA A 232 1.79 -18.45 -7.67
N SER A 233 2.71 -18.23 -6.73
CA SER A 233 3.58 -19.29 -6.23
C SER A 233 3.34 -19.49 -4.75
N LEU A 234 3.40 -18.40 -3.98
CA LEU A 234 3.16 -18.48 -2.55
C LEU A 234 1.67 -18.49 -2.23
N ASN A 235 0.83 -18.17 -3.23
CA ASN A 235 -0.61 -18.06 -3.01
C ASN A 235 -1.34 -19.38 -3.21
N ASP A 236 -0.65 -20.45 -3.58
CA ASP A 236 -1.27 -21.77 -3.77
C ASP A 236 -1.41 -22.43 -2.40
N PHE A 237 -2.51 -22.10 -1.73
CA PHE A 237 -2.76 -22.57 -0.37
C PHE A 237 -3.92 -23.56 -0.28
N GLY A 238 -4.28 -24.21 -1.39
CA GLY A 238 -5.31 -25.23 -1.35
C GLY A 238 -6.70 -24.68 -1.61
N SER A 239 -7.68 -25.58 -1.51
CA SER A 239 -9.08 -25.24 -1.75
C SER A 239 -9.95 -25.97 -0.75
N LEU A 240 -11.23 -25.61 -0.75
CA LEU A 240 -12.23 -26.24 0.11
C LEU A 240 -13.36 -26.80 -0.74
N ALA A 241 -13.71 -28.06 -0.49
CA ALA A 241 -14.80 -28.73 -1.18
C ALA A 241 -15.93 -28.98 -0.19
N VAL A 242 -17.12 -28.49 -0.52
CA VAL A 242 -18.28 -28.56 0.36
C VAL A 242 -19.33 -29.43 -0.31
N ARG A 243 -19.86 -30.39 0.44
CA ARG A 243 -20.92 -31.27 -0.06
C ARG A 243 -21.89 -31.58 1.06
N VAL A 244 -23.00 -32.21 0.68
CA VAL A 244 -23.98 -32.71 1.64
C VAL A 244 -23.89 -34.23 1.67
N VAL A 245 -23.70 -34.80 2.86
CA VAL A 245 -23.49 -36.23 3.01
C VAL A 245 -24.79 -37.00 3.21
N ASN A 246 -25.90 -36.31 3.45
CA ASN A 246 -27.17 -36.97 3.65
C ASN A 246 -27.78 -37.37 2.31
N ASP A 247 -28.79 -38.22 2.38
CA ASP A 247 -29.48 -38.67 1.16
C ASP A 247 -30.15 -37.49 0.48
N HIS A 248 -30.22 -37.56 -0.85
CA HIS A 248 -30.79 -36.49 -1.65
C HIS A 248 -32.27 -36.35 -1.31
N ASN A 249 -32.65 -35.19 -0.77
CA ASN A 249 -34.03 -34.98 -0.38
C ASN A 249 -34.91 -34.91 -1.62
N PRO A 250 -36.16 -35.39 -1.55
CA PRO A 250 -37.04 -35.28 -2.73
C PRO A 250 -37.24 -33.84 -3.19
N THR A 251 -37.26 -32.89 -2.26
CA THR A 251 -37.44 -31.48 -2.58
C THR A 251 -36.09 -30.77 -2.55
N LYS A 252 -35.83 -29.96 -3.56
CA LYS A 252 -34.56 -29.26 -3.67
C LYS A 252 -34.36 -28.34 -2.47
N LEU A 253 -33.16 -28.37 -1.89
CA LEU A 253 -32.78 -27.49 -0.80
C LEU A 253 -31.52 -26.74 -1.18
N THR A 254 -31.44 -25.47 -0.79
CA THR A 254 -30.30 -24.62 -1.09
C THR A 254 -29.62 -24.21 0.20
N SER A 255 -28.31 -24.46 0.28
CA SER A 255 -27.53 -24.16 1.47
C SER A 255 -26.36 -23.26 1.11
N LYS A 256 -26.03 -22.35 2.02
CA LYS A 256 -24.92 -21.42 1.85
C LYS A 256 -24.07 -21.41 3.11
N ILE A 257 -22.76 -21.50 2.93
CA ILE A 257 -21.81 -21.49 4.03
C ILE A 257 -20.92 -20.26 3.87
N ARG A 258 -20.93 -19.39 4.87
CA ARG A 258 -20.08 -18.21 4.91
C ARG A 258 -18.79 -18.57 5.63
N VAL A 259 -17.65 -18.25 5.00
CA VAL A 259 -16.34 -18.53 5.57
C VAL A 259 -15.80 -17.24 6.19
N TYR A 260 -15.55 -17.27 7.48
CA TYR A 260 -15.02 -16.12 8.21
C TYR A 260 -13.58 -16.39 8.60
N MET A 261 -12.72 -15.42 8.30
CA MET A 261 -11.29 -15.50 8.54
C MET A 261 -10.94 -14.61 9.73
N LYS A 262 -10.20 -15.16 10.69
CA LYS A 262 -9.79 -14.39 11.87
C LYS A 262 -8.31 -14.64 12.12
N PRO A 263 -7.45 -13.68 11.82
CA PRO A 263 -6.01 -13.87 12.06
C PRO A 263 -5.64 -13.64 13.51
N LYS A 264 -4.61 -14.35 13.95
CA LYS A 264 -4.07 -14.23 15.30
C LYS A 264 -2.54 -14.25 15.24
N HIS A 265 -1.92 -13.65 16.25
CA HIS A 265 -0.46 -13.55 16.32
C HIS A 265 0.08 -12.90 15.05
N VAL A 266 -0.48 -11.75 14.71
CA VAL A 266 -0.19 -11.08 13.45
C VAL A 266 1.05 -10.21 13.61
N ARG A 267 2.04 -10.46 12.77
CA ARG A 267 3.22 -9.61 12.62
C ARG A 267 3.26 -9.09 11.20
N VAL A 268 3.59 -7.81 11.04
CA VAL A 268 3.52 -7.15 9.74
C VAL A 268 4.83 -6.44 9.45
N TRP A 269 5.11 -6.26 8.16
CA TRP A 269 6.31 -5.58 7.71
C TRP A 269 6.02 -4.84 6.41
N CYS A 270 6.76 -3.75 6.18
CA CYS A 270 6.68 -2.94 4.97
C CYS A 270 5.29 -2.35 4.79
N PRO A 271 4.91 -1.36 5.60
CA PRO A 271 3.59 -0.73 5.45
C PRO A 271 3.42 -0.12 4.07
N ARG A 272 2.18 -0.12 3.60
CA ARG A 272 1.81 0.37 2.28
C ARG A 272 0.65 1.35 2.42
N PRO A 273 0.50 2.28 1.47
CA PRO A 273 -0.59 3.25 1.58
C PRO A 273 -1.93 2.57 1.38
N PRO A 274 -3.00 3.12 1.95
CA PRO A 274 -4.33 2.50 1.78
C PRO A 274 -4.79 2.58 0.33
N ARG A 275 -5.60 1.60 -0.07
CA ARG A 275 -6.18 1.60 -1.41
C ARG A 275 -7.10 2.81 -1.56
N ALA A 276 -7.05 3.43 -2.74
CA ALA A 276 -7.83 4.63 -3.03
C ALA A 276 -8.95 4.38 -4.03
N VAL A 277 -8.82 3.38 -4.89
CA VAL A 277 -9.80 3.12 -5.95
C VAL A 277 -10.35 1.72 -5.73
N PRO A 278 -11.52 1.42 -6.31
CA PRO A 278 -12.12 0.10 -6.09
C PRO A 278 -11.22 -1.02 -6.59
N TYR A 279 -11.27 -2.15 -5.89
CA TYR A 279 -10.47 -3.32 -6.26
C TYR A 279 -11.05 -3.99 -7.49
N TYR A 280 -10.19 -4.24 -8.46
CA TYR A 280 -10.56 -4.92 -9.71
C TYR A 280 -9.55 -6.04 -9.94
N GLY A 281 -9.91 -7.25 -9.52
CA GLY A 281 -9.06 -8.40 -9.66
C GLY A 281 -8.10 -8.57 -8.50
N PRO A 282 -7.44 -9.73 -8.42
CA PRO A 282 -6.50 -9.95 -7.32
C PRO A 282 -5.30 -9.01 -7.34
N GLY A 283 -5.00 -8.39 -8.48
CA GLY A 283 -3.85 -7.51 -8.61
C GLY A 283 -4.18 -6.07 -8.25
N VAL A 284 -3.38 -5.16 -8.81
CA VAL A 284 -3.53 -3.73 -8.56
C VAL A 284 -4.18 -3.00 -9.71
N ASP A 285 -4.76 -3.72 -10.66
CA ASP A 285 -5.36 -3.08 -11.83
C ASP A 285 -6.61 -2.30 -11.44
N TYR A 286 -6.90 -1.26 -12.22
CA TYR A 286 -8.10 -0.47 -12.05
C TYR A 286 -8.56 0.01 -13.42
N LYS A 287 -9.86 0.24 -13.55
CA LYS A 287 -10.46 0.66 -14.81
C LYS A 287 -11.28 1.93 -14.71
N ASP A 288 -12.00 2.13 -13.60
CA ASP A 288 -12.86 3.29 -13.45
C ASP A 288 -12.97 3.62 -11.97
N GLY A 289 -13.76 4.66 -11.67
CA GLY A 289 -13.88 5.13 -10.31
C GLY A 289 -12.59 5.71 -9.76
N LEU A 290 -11.82 6.41 -10.60
CA LEU A 290 -10.52 6.95 -10.21
C LEU A 290 -10.61 8.40 -9.73
N ALA A 291 -11.77 8.81 -9.21
CA ALA A 291 -11.98 10.18 -8.75
C ALA A 291 -12.59 10.14 -7.35
N PRO A 292 -11.83 9.70 -6.35
CA PRO A 292 -12.37 9.61 -4.99
C PRO A 292 -12.46 10.94 -4.27
N LEU A 293 -11.65 11.92 -4.64
CA LEU A 293 -11.61 13.18 -3.91
C LEU A 293 -12.81 14.05 -4.27
N PRO A 294 -13.57 14.55 -3.29
CA PRO A 294 -14.70 15.44 -3.61
C PRO A 294 -14.24 16.88 -3.82
N GLU A 295 -15.20 17.78 -4.02
CA GLU A 295 -14.91 19.20 -4.25
C GLU A 295 -15.02 19.98 -2.94
N LYS A 296 -14.05 20.85 -2.70
CA LYS A 296 -14.05 21.69 -1.51
C LYS A 296 -13.26 22.95 -1.79
N GLY A 297 -13.77 24.09 -1.34
CA GLY A 297 -13.09 25.36 -1.58
C GLY A 297 -11.74 25.41 -0.87
N LEU A 298 -10.80 26.10 -1.51
CA LEU A 298 -9.47 26.23 -0.91
C LEU A 298 -9.52 27.01 0.40
N THR A 299 -10.29 28.08 0.45
CA THR A 299 -10.40 28.93 1.63
C THR A 299 -11.73 28.75 2.36
N THR A 300 -12.36 27.59 2.17
CA THR A 300 -13.64 27.28 2.80
C THR A 300 -13.42 26.29 3.93
N TYR A 301 -13.96 26.60 5.10
CA TYR A 301 -13.83 25.73 6.27
C TYR A 301 -14.72 24.52 6.16
N GLY B 1 -21.80 -37.54 35.70
CA GLY B 1 -20.64 -36.65 35.37
C GLY B 1 -20.67 -35.34 36.12
N LEU B 2 -19.73 -34.46 35.81
CA LEU B 2 -19.67 -33.16 36.47
C LEU B 2 -20.87 -32.33 36.07
N PRO B 3 -21.64 -31.78 37.03
CA PRO B 3 -22.77 -30.93 36.65
C PRO B 3 -22.31 -29.72 35.83
N VAL B 4 -23.12 -29.35 34.84
CA VAL B 4 -22.82 -28.23 33.96
C VAL B 4 -24.06 -27.36 33.83
N LEU B 5 -23.82 -26.10 33.48
CA LEU B 5 -24.89 -25.13 33.27
C LEU B 5 -24.66 -24.41 31.96
N ASN B 6 -25.68 -24.39 31.10
CA ASN B 6 -25.60 -23.71 29.81
C ASN B 6 -26.01 -22.26 30.03
N THR B 7 -25.02 -21.42 30.36
CA THR B 7 -25.28 -20.02 30.66
C THR B 7 -25.67 -19.26 29.39
N PRO B 8 -26.31 -18.10 29.55
CA PRO B 8 -26.68 -17.31 28.37
C PRO B 8 -25.46 -16.93 27.55
N GLY B 9 -25.64 -16.87 26.23
CA GLY B 9 -24.57 -16.55 25.32
C GLY B 9 -23.91 -17.76 24.69
N SER B 10 -24.19 -18.96 25.18
CA SER B 10 -23.62 -20.17 24.60
C SER B 10 -24.24 -20.43 23.23
N ASN B 11 -23.56 -21.26 22.45
CA ASN B 11 -24.00 -21.63 21.10
C ASN B 11 -24.21 -20.38 20.24
N GLN B 12 -23.32 -19.41 20.39
CA GLN B 12 -23.39 -18.16 19.64
C GLN B 12 -22.04 -17.88 19.00
N TYR B 13 -22.08 -17.15 17.88
CA TYR B 13 -20.88 -16.73 17.16
C TYR B 13 -20.67 -15.25 17.37
N LEU B 14 -19.50 -14.88 17.85
CA LEU B 14 -19.12 -13.48 18.04
C LEU B 14 -17.83 -13.23 17.28
N THR B 15 -17.83 -12.19 16.43
CA THR B 15 -16.69 -11.94 15.55
C THR B 15 -15.46 -11.45 16.30
N ALA B 16 -15.60 -11.03 17.56
CA ALA B 16 -14.48 -10.52 18.35
C ALA B 16 -14.23 -11.39 19.57
N ASP B 17 -14.55 -12.69 19.48
CA ASP B 17 -14.33 -13.60 20.59
C ASP B 17 -12.91 -14.15 20.55
N ASN B 18 -12.53 -14.86 21.60
CA ASN B 18 -11.19 -15.47 21.67
C ASN B 18 -11.34 -16.81 22.41
N TYR B 19 -11.49 -17.88 21.63
CA TYR B 19 -11.58 -19.23 22.17
C TYR B 19 -10.62 -20.14 21.43
N GLN B 20 -10.06 -21.10 22.15
CA GLN B 20 -9.16 -22.07 21.54
C GLN B 20 -9.95 -22.98 20.60
N SER B 21 -9.34 -23.30 19.45
CA SER B 21 -9.99 -24.13 18.45
C SER B 21 -9.07 -25.29 18.06
N PRO B 22 -9.63 -26.40 17.59
CA PRO B 22 -8.80 -27.53 17.18
C PRO B 22 -7.92 -27.18 15.99
N CYS B 23 -6.75 -27.80 15.95
CA CYS B 23 -5.79 -27.56 14.88
C CYS B 23 -6.12 -28.46 13.69
N ALA B 24 -6.33 -27.84 12.52
CA ALA B 24 -6.64 -28.60 11.32
C ALA B 24 -5.43 -29.28 10.71
N ILE B 25 -4.23 -28.82 11.05
CA ILE B 25 -3.00 -29.41 10.53
C ILE B 25 -2.07 -29.70 11.70
N PRO B 26 -2.32 -30.77 12.47
CA PRO B 26 -1.49 -31.03 13.65
C PRO B 26 -0.04 -31.31 13.27
N GLU B 27 0.86 -30.94 14.18
CA GLU B 27 2.29 -31.22 14.03
C GLU B 27 2.84 -30.66 12.71
N PHE B 28 2.41 -29.46 12.35
CA PHE B 28 2.94 -28.82 11.15
C PHE B 28 4.29 -28.18 11.44
N ASP B 29 5.19 -28.27 10.47
CA ASP B 29 6.52 -27.66 10.58
C ASP B 29 6.41 -26.21 10.12
N VAL B 30 6.39 -25.30 11.08
CA VAL B 30 6.24 -23.88 10.78
C VAL B 30 7.59 -23.33 10.32
N THR B 31 7.58 -22.61 9.20
CA THR B 31 8.80 -22.00 8.68
C THR B 31 9.32 -20.97 9.67
N PRO B 32 10.59 -21.03 10.08
CA PRO B 32 11.09 -20.04 11.03
C PRO B 32 10.99 -18.65 10.46
N PRO B 33 10.68 -17.65 11.28
CA PRO B 33 10.62 -16.27 10.77
C PRO B 33 12.02 -15.69 10.55
N ILE B 34 12.05 -14.61 9.77
CA ILE B 34 13.28 -13.89 9.49
C ILE B 34 13.04 -12.41 9.76
N ASP B 35 14.15 -11.69 9.97
CA ASP B 35 14.11 -10.27 10.33
C ASP B 35 13.87 -9.45 9.08
N ILE B 36 12.60 -9.32 8.72
CA ILE B 36 12.22 -8.49 7.57
C ILE B 36 12.26 -7.02 7.98
N PRO B 37 13.01 -6.17 7.28
CA PRO B 37 13.06 -4.76 7.67
C PRO B 37 11.70 -4.10 7.63
N GLY B 38 11.47 -3.20 8.57
CA GLY B 38 10.23 -2.43 8.61
C GLY B 38 9.15 -3.06 9.46
N GLU B 39 9.54 -3.58 10.63
CA GLU B 39 8.57 -4.19 11.52
C GLU B 39 7.68 -3.12 12.15
N VAL B 40 6.38 -3.37 12.17
CA VAL B 40 5.39 -2.48 12.77
C VAL B 40 4.57 -3.28 13.77
N ARG B 41 4.45 -2.76 14.99
CA ARG B 41 3.70 -3.42 16.05
C ARG B 41 2.48 -2.66 16.49
N ASN B 42 2.31 -1.40 16.09
CA ASN B 42 1.14 -0.62 16.44
C ASN B 42 0.73 0.22 15.24
N MET B 43 -0.58 0.32 15.01
CA MET B 43 -1.06 1.11 13.88
C MET B 43 -0.73 2.59 14.04
N MET B 44 -0.71 3.08 15.27
CA MET B 44 -0.39 4.49 15.51
C MET B 44 0.98 4.85 14.98
N GLU B 45 1.91 3.90 14.91
CA GLU B 45 3.22 4.18 14.34
C GLU B 45 3.13 4.68 12.91
N LEU B 46 2.11 4.24 12.16
CA LEU B 46 1.87 4.76 10.82
C LEU B 46 1.24 6.14 10.83
N ALA B 47 0.44 6.45 11.85
CA ALA B 47 -0.21 7.76 11.92
C ALA B 47 0.79 8.89 12.15
N GLU B 48 2.00 8.56 12.61
CA GLU B 48 3.02 9.57 12.85
C GLU B 48 3.84 9.88 11.61
N ILE B 49 3.55 9.24 10.48
CA ILE B 49 4.29 9.49 9.24
C ILE B 49 3.61 10.62 8.49
N ASP B 50 4.41 11.60 8.06
CA ASP B 50 3.87 12.74 7.34
C ASP B 50 3.20 12.30 6.05
N THR B 51 2.02 12.87 5.78
CA THR B 51 1.27 12.60 4.57
C THR B 51 0.88 13.92 3.91
N MET B 52 1.15 14.03 2.60
CA MET B 52 0.82 15.25 1.87
C MET B 52 -0.69 15.42 1.82
N ILE B 53 -1.14 16.65 2.08
CA ILE B 53 -2.56 16.95 2.22
C ILE B 53 -3.10 17.42 0.87
N PRO B 54 -4.16 16.78 0.33
CA PRO B 54 -4.79 17.34 -0.88
C PRO B 54 -5.62 18.57 -0.56
N LEU B 55 -4.94 19.70 -0.36
CA LEU B 55 -5.59 20.88 0.19
C LEU B 55 -6.52 21.55 -0.82
N ASN B 56 -6.10 21.65 -2.08
CA ASN B 56 -6.86 22.36 -3.11
C ASN B 56 -7.75 21.35 -3.82
N LEU B 57 -9.04 21.34 -3.45
CA LEU B 57 -9.99 20.41 -4.04
C LEU B 57 -10.95 21.13 -4.97
N THR B 58 -10.46 22.10 -5.73
CA THR B 58 -11.29 22.81 -6.69
C THR B 58 -11.68 21.87 -7.84
N ASN B 59 -12.74 22.27 -8.56
CA ASN B 59 -13.24 21.43 -9.63
C ASN B 59 -12.20 21.19 -10.72
N GLN B 60 -11.25 22.10 -10.89
CA GLN B 60 -10.22 21.94 -11.92
C GLN B 60 -9.01 21.15 -11.43
N ARG B 61 -8.65 21.28 -10.15
CA ARG B 61 -7.48 20.62 -9.60
C ARG B 61 -7.82 19.32 -8.86
N LYS B 62 -9.09 18.92 -8.81
CA LYS B 62 -9.46 17.75 -8.04
C LYS B 62 -9.03 16.47 -8.76
N ASN B 63 -8.58 15.50 -7.97
CA ASN B 63 -8.23 14.16 -8.46
C ASN B 63 -7.07 14.20 -9.45
N THR B 64 -6.16 15.16 -9.27
CA THR B 64 -4.91 15.22 -10.01
C THR B 64 -3.81 15.60 -9.03
N MET B 65 -2.62 15.90 -9.56
CA MET B 65 -1.53 16.34 -8.71
C MET B 65 -1.75 17.74 -8.15
N ASP B 66 -2.39 18.63 -8.92
CA ASP B 66 -2.49 20.03 -8.52
C ASP B 66 -3.19 20.21 -7.18
N MET B 67 -4.00 19.25 -6.75
CA MET B 67 -4.69 19.40 -5.48
C MET B 67 -3.75 19.32 -4.29
N TYR B 68 -2.50 18.91 -4.49
CA TYR B 68 -1.56 18.77 -3.40
C TYR B 68 -0.71 20.03 -3.19
N ARG B 69 -1.01 21.11 -3.89
CA ARG B 69 -0.23 22.34 -3.86
C ARG B 69 -1.13 23.52 -3.55
N VAL B 70 -0.59 24.50 -2.81
CA VAL B 70 -1.28 25.75 -2.53
C VAL B 70 -0.44 26.88 -3.11
N GLU B 71 -1.09 27.75 -3.90
CA GLU B 71 -0.40 28.76 -4.67
C GLU B 71 -0.16 30.02 -3.85
N LEU B 72 0.95 30.70 -4.12
CA LEU B 72 1.30 31.98 -3.52
C LEU B 72 1.89 32.88 -4.59
N ASN B 73 1.67 34.19 -4.40
CA ASN B 73 2.11 35.20 -5.36
C ASN B 73 2.77 36.33 -4.60
N ASP B 74 3.33 37.29 -5.36
CA ASP B 74 4.02 38.45 -4.80
C ASP B 74 3.12 39.67 -4.73
N ALA B 75 1.81 39.49 -4.64
CA ALA B 75 0.89 40.62 -4.57
C ALA B 75 1.03 41.35 -3.24
N ALA B 76 0.48 42.55 -3.19
CA ALA B 76 0.55 43.36 -1.97
C ALA B 76 -0.15 42.64 -0.83
N HIS B 77 0.20 43.03 0.40
CA HIS B 77 -0.35 42.38 1.58
C HIS B 77 -1.86 42.49 1.60
N SER B 78 -2.52 41.40 1.97
CA SER B 78 -3.97 41.38 2.11
C SER B 78 -4.33 40.47 3.26
N ASP B 79 -5.44 40.78 3.93
CA ASP B 79 -5.93 39.99 5.04
C ASP B 79 -6.74 38.77 4.60
N THR B 80 -6.97 38.61 3.29
CA THR B 80 -7.69 37.45 2.81
C THR B 80 -6.88 36.19 3.11
N PRO B 81 -7.48 35.16 3.70
CA PRO B 81 -6.72 33.97 4.06
C PRO B 81 -6.11 33.29 2.85
N ILE B 82 -4.89 32.78 3.04
CA ILE B 82 -4.27 31.92 2.04
C ILE B 82 -4.90 30.54 2.04
N LEU B 83 -5.03 29.93 3.21
CA LEU B 83 -5.57 28.58 3.31
C LEU B 83 -6.49 28.50 4.51
N CYS B 84 -7.51 27.65 4.43
CA CYS B 84 -8.45 27.45 5.52
C CYS B 84 -8.94 26.01 5.52
N PHE B 85 -9.02 25.41 6.71
CA PHE B 85 -9.68 24.12 6.84
C PHE B 85 -10.01 23.88 8.30
N SER B 86 -10.81 22.85 8.54
CA SER B 86 -11.30 22.52 9.87
C SER B 86 -10.59 21.29 10.41
N LEU B 87 -10.36 21.28 11.72
CA LEU B 87 -9.67 20.18 12.38
C LEU B 87 -10.65 19.02 12.59
N SER B 88 -11.00 18.40 11.46
CA SER B 88 -11.84 17.20 11.44
C SER B 88 -11.14 16.18 10.56
N PRO B 89 -10.06 15.57 11.05
CA PRO B 89 -9.28 14.67 10.20
C PRO B 89 -10.07 13.51 9.61
N ALA B 90 -11.05 12.98 10.33
CA ALA B 90 -11.83 11.85 9.87
C ALA B 90 -13.06 12.24 9.08
N SER B 91 -13.36 13.53 8.97
CA SER B 91 -14.54 14.00 8.25
C SER B 91 -14.23 15.02 7.17
N ASP B 92 -13.23 15.87 7.38
CA ASP B 92 -12.90 16.88 6.40
C ASP B 92 -12.39 16.20 5.13
N PRO B 93 -12.88 16.57 3.94
CA PRO B 93 -12.41 15.90 2.71
C PRO B 93 -10.93 16.06 2.47
N ARG B 94 -10.32 17.19 2.86
CA ARG B 94 -8.90 17.40 2.63
C ARG B 94 -8.03 16.58 3.55
N LEU B 95 -8.54 16.15 4.71
CA LEU B 95 -7.78 15.37 5.67
C LEU B 95 -8.25 13.94 5.80
N ALA B 96 -9.49 13.64 5.40
CA ALA B 96 -10.00 12.28 5.52
C ALA B 96 -9.26 11.29 4.63
N HIS B 97 -8.64 11.76 3.55
CA HIS B 97 -7.95 10.90 2.60
C HIS B 97 -6.47 10.74 2.93
N THR B 98 -5.97 11.43 3.94
CA THR B 98 -4.60 11.25 4.38
C THR B 98 -4.49 10.00 5.26
N MET B 99 -3.25 9.56 5.48
CA MET B 99 -3.04 8.37 6.30
C MET B 99 -3.66 8.53 7.68
N LEU B 100 -3.50 9.72 8.28
CA LEU B 100 -4.16 9.98 9.56
C LEU B 100 -5.67 9.80 9.43
N GLY B 101 -6.26 10.39 8.39
CA GLY B 101 -7.70 10.25 8.20
C GLY B 101 -8.12 8.82 7.91
N GLU B 102 -7.33 8.11 7.09
CA GLU B 102 -7.69 6.73 6.77
C GLU B 102 -7.64 5.85 8.01
N ILE B 103 -6.61 6.01 8.85
CA ILE B 103 -6.54 5.24 10.08
C ILE B 103 -7.69 5.61 11.02
N LEU B 104 -7.99 6.91 11.14
CA LEU B 104 -9.09 7.33 12.00
C LEU B 104 -10.42 6.79 11.52
N ASN B 105 -10.59 6.62 10.22
CA ASN B 105 -11.83 6.09 9.68
C ASN B 105 -12.11 4.67 10.14
N TYR B 106 -11.09 3.95 10.60
CA TYR B 106 -11.28 2.60 11.14
C TYR B 106 -11.68 2.61 12.60
N TYR B 107 -11.71 3.77 13.26
CA TYR B 107 -12.01 3.86 14.67
C TYR B 107 -13.07 4.94 14.88
N THR B 108 -13.82 4.80 15.98
CA THR B 108 -14.87 5.74 16.33
C THR B 108 -14.37 6.89 17.21
N HIS B 109 -13.46 6.62 18.14
CA HIS B 109 -12.96 7.64 19.05
C HIS B 109 -11.46 7.82 18.85
N TRP B 110 -10.99 9.05 19.02
CA TRP B 110 -9.58 9.36 18.88
C TRP B 110 -9.23 10.53 19.78
N ALA B 111 -7.94 10.65 20.10
CA ALA B 111 -7.45 11.74 20.93
C ALA B 111 -5.98 11.96 20.64
N GLY B 112 -5.50 13.13 21.04
CA GLY B 112 -4.10 13.49 20.90
C GLY B 112 -3.90 14.70 19.99
N SER B 113 -2.70 15.25 20.05
CA SER B 113 -2.34 16.42 19.26
C SER B 113 -1.85 15.98 17.88
N LEU B 114 -1.65 16.98 17.01
CA LEU B 114 -1.24 16.75 15.63
C LEU B 114 -0.17 17.76 15.23
N LYS B 115 0.61 17.39 14.21
CA LYS B 115 1.61 18.26 13.62
C LYS B 115 1.23 18.56 12.18
N PHE B 116 1.16 19.85 11.85
CA PHE B 116 0.91 20.30 10.48
C PHE B 116 2.15 21.00 9.97
N THR B 117 2.72 20.48 8.89
CA THR B 117 3.96 21.00 8.33
C THR B 117 3.70 21.59 6.95
N PHE B 118 4.42 22.64 6.63
CA PHE B 118 4.34 23.29 5.32
C PHE B 118 5.73 23.49 4.76
N LEU B 119 5.91 23.07 3.51
CA LEU B 119 7.17 23.14 2.80
C LEU B 119 7.06 24.13 1.64
N PHE B 120 8.06 24.98 1.50
CA PHE B 120 8.09 26.00 0.45
C PHE B 120 8.90 25.45 -0.74
N CYS B 121 8.28 25.46 -1.92
CA CYS B 121 8.89 24.93 -3.13
C CYS B 121 9.26 26.03 -4.12
N GLY B 122 9.49 27.25 -3.65
CA GLY B 122 9.89 28.34 -4.50
C GLY B 122 11.39 28.36 -4.74
N SER B 123 11.86 29.47 -5.28
CA SER B 123 13.27 29.65 -5.58
C SER B 123 14.03 30.14 -4.35
N MET B 124 15.35 30.05 -4.42
CA MET B 124 16.19 30.54 -3.33
C MET B 124 16.02 32.04 -3.13
N MET B 125 15.98 32.81 -4.22
CA MET B 125 15.85 34.25 -4.10
C MET B 125 14.54 34.67 -3.44
N ALA B 126 13.51 33.83 -3.53
CA ALA B 126 12.22 34.13 -2.94
C ALA B 126 12.30 34.12 -1.42
N THR B 127 11.69 35.13 -0.81
CA THR B 127 11.65 35.25 0.64
C THR B 127 10.33 35.87 1.05
N GLY B 128 9.94 35.65 2.30
CA GLY B 128 8.70 36.20 2.79
C GLY B 128 8.42 35.75 4.21
N LYS B 129 7.25 36.14 4.69
CA LYS B 129 6.80 35.80 6.04
C LYS B 129 5.33 35.43 5.98
N LEU B 130 4.97 34.31 6.61
CA LEU B 130 3.61 33.81 6.59
C LEU B 130 3.17 33.47 8.01
N LEU B 131 1.86 33.45 8.24
CA LEU B 131 1.28 33.18 9.55
C LEU B 131 0.39 31.95 9.45
N VAL B 132 0.55 31.03 10.41
CA VAL B 132 -0.30 29.85 10.49
C VAL B 132 -0.94 29.83 11.87
N SER B 133 -2.26 29.96 11.92
CA SER B 133 -2.99 30.11 13.18
C SER B 133 -4.00 28.99 13.36
N TYR B 134 -4.22 28.64 14.62
CA TYR B 134 -5.21 27.64 15.01
C TYR B 134 -6.24 28.30 15.91
N ALA B 135 -7.47 28.36 15.44
CA ALA B 135 -8.58 28.91 16.22
C ALA B 135 -9.24 27.78 17.02
N PRO B 136 -9.26 27.84 18.34
CA PRO B 136 -9.86 26.76 19.13
C PRO B 136 -11.34 26.62 18.83
N PRO B 137 -11.97 25.54 19.27
CA PRO B 137 -13.41 25.34 19.02
C PRO B 137 -14.24 26.41 19.71
N GLY B 138 -15.50 26.50 19.28
CA GLY B 138 -16.47 27.35 19.95
C GLY B 138 -16.41 28.81 19.56
N ALA B 139 -15.72 29.15 18.47
CA ALA B 139 -15.62 30.54 18.01
C ALA B 139 -15.83 30.59 16.51
N GLU B 140 -16.30 31.74 16.04
CA GLU B 140 -16.50 31.93 14.61
C GLU B 140 -15.18 31.74 13.87
N ALA B 141 -15.23 31.01 12.76
CA ALA B 141 -14.01 30.67 12.04
C ALA B 141 -13.30 31.95 11.59
N PRO B 142 -11.98 32.04 11.75
CA PRO B 142 -11.28 33.27 11.36
C PRO B 142 -11.56 33.65 9.92
N LYS B 143 -11.82 34.95 9.71
CA LYS B 143 -12.06 35.49 8.38
C LYS B 143 -10.97 36.45 7.92
N SER B 144 -10.07 36.86 8.81
CA SER B 144 -9.00 37.78 8.46
C SER B 144 -7.84 37.57 9.43
N ARG B 145 -6.68 38.08 9.04
CA ARG B 145 -5.48 37.93 9.88
C ARG B 145 -5.72 38.55 11.26
N LYS B 146 -6.54 39.60 11.33
CA LYS B 146 -6.78 40.26 12.61
C LYS B 146 -7.41 39.30 13.61
N GLU B 147 -8.39 38.50 13.18
CA GLU B 147 -8.96 37.48 14.04
C GLU B 147 -8.04 36.28 14.19
N ALA B 148 -7.24 35.97 13.17
CA ALA B 148 -6.34 34.83 13.25
C ALA B 148 -5.28 35.01 14.34
N MET B 149 -4.77 36.23 14.50
CA MET B 149 -3.69 36.48 15.45
C MET B 149 -4.17 36.53 16.90
N LEU B 150 -5.44 36.23 17.17
CA LEU B 150 -5.94 36.17 18.54
C LEU B 150 -5.65 34.85 19.24
N GLY B 151 -5.27 33.82 18.50
CA GLY B 151 -5.03 32.51 19.09
C GLY B 151 -3.63 32.00 18.84
N THR B 152 -3.40 30.72 19.12
CA THR B 152 -2.10 30.13 18.88
C THR B 152 -1.72 30.28 17.41
N HIS B 153 -0.48 30.69 17.16
CA HIS B 153 -0.02 30.91 15.80
C HIS B 153 1.49 30.76 15.73
N VAL B 154 1.98 30.48 14.53
CA VAL B 154 3.39 30.35 14.25
C VAL B 154 3.74 31.17 13.02
N ILE B 155 5.00 31.62 12.97
CA ILE B 155 5.51 32.47 11.90
C ILE B 155 6.47 31.63 11.05
N TRP B 156 6.15 31.52 9.77
CA TRP B 156 7.01 30.86 8.79
C TRP B 156 7.84 31.93 8.10
N ASP B 157 9.14 31.92 8.39
CA ASP B 157 10.07 32.90 7.83
C ASP B 157 10.77 32.26 6.64
N ILE B 158 10.17 32.40 5.45
CA ILE B 158 10.72 31.82 4.24
C ILE B 158 11.95 32.62 3.85
N GLY B 159 13.12 31.98 3.96
CA GLY B 159 14.39 32.65 3.77
C GLY B 159 15.42 32.15 4.77
N LEU B 160 14.94 31.71 5.92
CA LEU B 160 15.76 31.03 6.92
C LEU B 160 15.43 29.55 7.05
N GLN B 161 14.15 29.20 7.01
CA GLN B 161 13.71 27.81 7.04
C GLN B 161 12.77 27.57 5.88
N SER B 162 13.00 26.48 5.14
CA SER B 162 12.14 26.11 4.03
C SER B 162 10.91 25.33 4.47
N SER B 163 10.84 24.91 5.73
CA SER B 163 9.71 24.17 6.25
C SER B 163 9.34 24.71 7.63
N CYS B 164 8.04 24.65 7.93
CA CYS B 164 7.54 25.11 9.22
C CYS B 164 6.51 24.14 9.74
N THR B 165 6.66 23.75 11.02
CA THR B 165 5.77 22.80 11.66
C THR B 165 5.04 23.48 12.81
N MET B 166 3.73 23.23 12.90
CA MET B 166 2.88 23.75 13.96
C MET B 166 2.22 22.59 14.69
N VAL B 167 2.21 22.66 16.01
CA VAL B 167 1.60 21.63 16.86
C VAL B 167 0.26 22.14 17.34
N VAL B 168 -0.79 21.34 17.12
CA VAL B 168 -2.15 21.69 17.53
C VAL B 168 -2.35 21.18 18.95
N PRO B 169 -2.52 22.05 19.95
CA PRO B 169 -2.74 21.56 21.31
C PRO B 169 -4.09 20.88 21.46
N TRP B 170 -4.16 19.98 22.43
CA TRP B 170 -5.39 19.22 22.69
C TRP B 170 -6.33 20.05 23.56
N ILE B 171 -6.93 21.06 22.93
CA ILE B 171 -7.96 21.88 23.56
C ILE B 171 -9.31 21.25 23.23
N SER B 172 -9.89 20.56 24.20
CA SER B 172 -11.14 19.86 23.99
C SER B 172 -11.96 19.87 25.28
N ASN B 173 -13.28 19.80 25.11
CA ASN B 173 -14.20 19.67 26.24
C ASN B 173 -14.52 18.22 26.55
N THR B 174 -13.98 17.27 25.80
CA THR B 174 -14.22 15.85 26.01
C THR B 174 -12.89 15.11 25.97
N THR B 175 -12.86 13.95 26.64
CA THR B 175 -11.63 13.15 26.68
C THR B 175 -11.24 12.69 25.28
N TYR B 176 -12.21 12.25 24.49
CA TYR B 176 -11.97 11.79 23.13
C TYR B 176 -12.90 12.51 22.17
N ARG B 177 -12.43 12.67 20.93
CA ARG B 177 -13.22 13.25 19.85
C ARG B 177 -13.76 12.15 18.95
N LEU B 178 -14.87 12.45 18.29
CA LEU B 178 -15.51 11.51 17.37
C LEU B 178 -14.94 11.66 15.97
N THR B 179 -14.95 10.56 15.23
CA THR B 179 -14.45 10.53 13.86
C THR B 179 -15.54 10.85 12.83
N ILE B 180 -16.65 11.44 13.28
CA ILE B 180 -17.75 11.80 12.39
C ILE B 180 -17.98 13.31 12.49
N ASN B 181 -18.77 13.83 11.56
CA ASN B 181 -19.07 15.26 11.51
C ASN B 181 -20.14 15.58 12.55
N ASP B 182 -19.74 16.24 13.64
CA ASP B 182 -20.68 16.62 14.69
C ASP B 182 -20.14 17.84 15.40
N SER B 183 -21.03 18.76 15.79
CA SER B 183 -20.61 19.97 16.47
C SER B 183 -20.23 19.71 17.93
N PHE B 184 -20.53 18.51 18.45
CA PHE B 184 -20.20 18.21 19.84
C PHE B 184 -18.69 18.20 20.08
N THR B 185 -17.91 17.69 19.13
CA THR B 185 -16.47 17.52 19.28
C THR B 185 -15.72 18.32 18.23
N GLU B 186 -16.10 19.57 18.03
CA GLU B 186 -15.39 20.44 17.09
C GLU B 186 -13.93 20.57 17.50
N GLY B 187 -13.03 20.43 16.52
CA GLY B 187 -11.61 20.55 16.75
C GLY B 187 -11.03 21.91 16.46
N GLY B 188 -11.86 22.90 16.14
CA GLY B 188 -11.36 24.21 15.78
C GLY B 188 -11.08 24.32 14.29
N TYR B 189 -10.31 25.34 13.96
CA TYR B 189 -9.96 25.61 12.56
C TYR B 189 -8.47 25.93 12.46
N ILE B 190 -7.93 25.73 11.26
CA ILE B 190 -6.55 26.09 10.95
C ILE B 190 -6.55 26.96 9.70
N SER B 191 -5.88 28.10 9.80
CA SER B 191 -5.86 29.09 8.74
C SER B 191 -4.43 29.56 8.50
N MET B 192 -4.17 29.96 7.26
CA MET B 192 -2.87 30.44 6.83
C MET B 192 -3.04 31.76 6.10
N PHE B 193 -2.28 32.77 6.54
CA PHE B 193 -2.36 34.13 6.03
C PHE B 193 -0.96 34.62 5.65
N TYR B 194 -0.93 35.71 4.89
CA TYR B 194 0.31 36.42 4.63
C TYR B 194 0.70 37.26 5.84
N GLN B 195 1.99 37.46 6.04
CA GLN B 195 2.44 38.41 7.05
C GLN B 195 2.85 39.74 6.41
N THR B 196 3.81 39.74 5.49
CA THR B 196 4.07 40.93 4.69
C THR B 196 3.79 40.68 3.22
N ARG B 197 4.52 39.76 2.61
CA ARG B 197 4.25 39.33 1.24
C ARG B 197 5.34 38.34 0.85
N VAL B 198 5.19 37.76 -0.34
CA VAL B 198 6.26 37.00 -0.97
C VAL B 198 7.05 37.95 -1.87
N VAL B 199 8.36 38.02 -1.64
CA VAL B 199 9.23 38.96 -2.33
C VAL B 199 10.15 38.17 -3.27
N VAL B 200 10.18 38.56 -4.53
CA VAL B 200 11.04 37.92 -5.51
C VAL B 200 11.76 39.00 -6.32
N PRO B 201 13.02 38.80 -6.71
CA PRO B 201 13.71 39.81 -7.53
C PRO B 201 13.40 39.66 -9.01
N LEU B 202 14.07 40.45 -9.84
CA LEU B 202 13.87 40.36 -11.29
C LEU B 202 14.32 39.00 -11.80
N SER B 203 13.67 38.55 -12.87
CA SER B 203 13.97 37.26 -13.50
C SER B 203 13.78 36.11 -12.52
N THR B 204 12.71 36.18 -11.73
CA THR B 204 12.36 35.14 -10.78
C THR B 204 10.90 34.79 -10.92
N PRO B 205 10.52 33.52 -10.73
CA PRO B 205 9.09 33.16 -10.81
C PRO B 205 8.27 33.94 -9.80
N ARG B 206 7.07 34.33 -10.23
CA ARG B 206 6.14 35.08 -9.39
C ARG B 206 4.98 34.23 -8.88
N LYS B 207 4.91 32.96 -9.24
CA LYS B 207 3.90 32.04 -8.75
C LYS B 207 4.63 30.84 -8.15
N MET B 208 4.51 30.66 -6.83
CA MET B 208 5.24 29.61 -6.14
C MET B 208 4.29 28.78 -5.30
N ASP B 209 4.50 27.46 -5.31
CA ASP B 209 3.60 26.53 -4.63
C ASP B 209 4.21 26.03 -3.33
N ILE B 210 3.33 25.78 -2.36
CA ILE B 210 3.71 25.21 -1.07
C ILE B 210 2.96 23.90 -0.89
N LEU B 211 3.57 23.00 -0.11
CA LEU B 211 3.05 21.65 0.10
C LEU B 211 2.72 21.49 1.58
N GLY B 212 1.58 20.87 1.86
CA GLY B 212 1.13 20.65 3.22
C GLY B 212 1.21 19.17 3.60
N PHE B 213 1.55 18.92 4.86
CA PHE B 213 1.65 17.58 5.41
C PHE B 213 1.02 17.55 6.80
N VAL B 214 0.44 16.40 7.15
CA VAL B 214 -0.19 16.21 8.45
C VAL B 214 0.34 14.92 9.06
N SER B 215 0.58 14.94 10.37
CA SER B 215 1.07 13.76 11.07
C SER B 215 0.54 13.77 12.49
N ALA B 216 0.55 12.59 13.11
CA ALA B 216 0.11 12.45 14.48
C ALA B 216 1.27 12.65 15.45
N CYS B 217 0.93 13.08 16.67
CA CYS B 217 1.92 13.31 17.71
C CYS B 217 2.12 12.04 18.53
N ASN B 218 3.04 12.10 19.50
CA ASN B 218 3.35 10.95 20.32
C ASN B 218 2.20 10.55 21.24
N ASP B 219 1.27 11.47 21.52
CA ASP B 219 0.16 11.21 22.42
C ASP B 219 -1.10 10.76 21.69
N PHE B 220 -1.02 10.58 20.37
CA PHE B 220 -2.19 10.22 19.59
C PHE B 220 -2.61 8.78 19.90
N SER B 221 -3.92 8.57 19.98
CA SER B 221 -4.46 7.23 20.22
C SER B 221 -5.88 7.16 19.65
N VAL B 222 -6.31 5.93 19.37
CA VAL B 222 -7.63 5.66 18.81
C VAL B 222 -8.25 4.49 19.55
N ARG B 223 -9.57 4.37 19.43
CA ARG B 223 -10.31 3.29 20.07
C ARG B 223 -11.68 3.17 19.40
N LEU B 224 -12.37 2.08 19.74
CA LEU B 224 -13.64 1.72 19.12
C LEU B 224 -13.47 1.45 17.63
N LEU B 225 -12.72 0.39 17.30
CA LEU B 225 -12.52 0.02 15.90
C LEU B 225 -13.86 -0.15 15.20
N ARG B 226 -13.94 0.34 13.97
CA ARG B 226 -15.16 0.29 13.19
C ARG B 226 -14.81 0.23 11.71
N ASP B 227 -15.81 -0.10 10.90
CA ASP B 227 -15.63 -0.13 9.45
C ASP B 227 -15.50 1.28 8.90
N THR B 228 -14.80 1.40 7.77
CA THR B 228 -14.59 2.69 7.14
C THR B 228 -15.75 3.03 6.22
N THR B 229 -15.79 4.30 5.80
CA THR B 229 -16.81 4.81 4.90
C THR B 229 -16.28 5.02 3.48
N HIS B 230 -15.04 4.61 3.20
CA HIS B 230 -14.44 4.76 1.89
C HIS B 230 -14.22 3.41 1.22
N ILE B 231 -15.08 2.44 1.50
CA ILE B 231 -14.96 1.08 0.98
C ILE B 231 -16.33 0.62 0.51
N SER B 232 -16.35 -0.08 -0.63
CA SER B 232 -17.61 -0.57 -1.20
C SER B 232 -17.32 -1.86 -1.96
N GLN B 233 -18.38 -2.65 -2.13
CA GLN B 233 -18.28 -3.91 -2.87
C GLN B 233 -19.61 -4.18 -3.57
N GLU B 234 -19.52 -4.68 -4.80
CA GLU B 234 -20.72 -5.02 -5.56
C GLU B 234 -21.38 -6.26 -4.98
N ALA B 235 -22.70 -6.24 -4.91
CA ALA B 235 -23.47 -7.37 -4.40
C ALA B 235 -23.10 -7.67 -2.94
N VAL C 13 27.31 18.71 2.54
CA VAL C 13 28.56 18.13 2.06
C VAL C 13 28.52 16.64 2.35
N MET C 14 28.58 15.83 1.29
CA MET C 14 28.50 14.38 1.43
C MET C 14 29.48 13.72 0.47
N GLN C 15 30.09 12.63 0.93
CA GLN C 15 30.99 11.82 0.11
C GLN C 15 30.59 10.36 0.28
N LEU C 16 30.18 9.73 -0.82
CA LEU C 16 29.79 8.33 -0.85
C LEU C 16 30.90 7.57 -1.58
N THR C 17 31.70 6.82 -0.82
CA THR C 17 32.79 6.02 -1.37
C THR C 17 32.42 4.55 -1.26
N LEU C 18 32.40 3.85 -2.40
CA LEU C 18 32.02 2.44 -2.40
C LEU C 18 32.76 1.74 -3.53
N GLY C 19 33.38 0.61 -3.22
CA GLY C 19 34.14 -0.12 -4.22
C GLY C 19 35.20 0.78 -4.82
N ASN C 20 35.20 0.88 -6.14
CA ASN C 20 36.14 1.72 -6.88
C ASN C 20 35.47 3.00 -7.38
N SER C 21 34.41 3.46 -6.71
CA SER C 21 33.67 4.63 -7.15
C SER C 21 33.48 5.59 -5.97
N THR C 22 33.40 6.87 -6.29
CA THR C 22 33.24 7.92 -5.29
C THR C 22 32.36 9.02 -5.86
N ILE C 23 31.37 9.45 -5.08
CA ILE C 23 30.48 10.55 -5.44
C ILE C 23 30.59 11.63 -4.37
N THR C 24 30.97 12.84 -4.77
CA THR C 24 31.12 13.97 -3.87
C THR C 24 30.10 15.04 -4.23
N THR C 25 29.41 15.56 -3.22
CA THR C 25 28.42 16.60 -3.45
C THR C 25 28.46 17.60 -2.30
N GLN C 26 28.02 18.83 -2.58
CA GLN C 26 27.94 19.89 -1.58
C GLN C 26 26.54 20.47 -1.49
N GLU C 27 25.54 19.78 -2.04
CA GLU C 27 24.15 20.22 -2.03
C GLU C 27 23.23 19.08 -1.63
N ALA C 28 23.67 18.26 -0.68
CA ALA C 28 22.91 17.10 -0.25
C ALA C 28 21.91 17.47 0.84
N ALA C 29 21.14 16.48 1.29
CA ALA C 29 20.14 16.65 2.34
C ALA C 29 20.29 15.50 3.34
N ASN C 30 21.53 15.24 3.76
CA ASN C 30 21.86 14.10 4.62
C ASN C 30 21.40 12.84 3.89
N SER C 31 20.80 11.86 4.58
CA SER C 31 20.33 10.65 3.94
C SER C 31 19.40 9.94 4.91
N VAL C 32 18.59 9.03 4.36
CA VAL C 32 17.66 8.22 5.15
C VAL C 32 17.93 6.75 4.83
N VAL C 33 18.07 5.95 5.88
CA VAL C 33 18.27 4.51 5.76
C VAL C 33 16.91 3.87 5.89
N ALA C 34 16.47 3.21 4.82
CA ALA C 34 15.13 2.62 4.81
C ALA C 34 14.97 1.65 5.97
N TYR C 35 13.90 1.84 6.75
CA TYR C 35 13.58 1.00 7.90
C TYR C 35 14.66 1.01 8.96
N GLY C 36 15.63 1.92 8.88
CA GLY C 36 16.67 2.04 9.89
C GLY C 36 17.72 0.95 9.87
N ARG C 37 17.80 0.16 8.80
CA ARG C 37 18.75 -0.93 8.71
C ARG C 37 19.58 -0.82 7.45
N TRP C 38 20.93 -0.93 7.61
CA TRP C 38 21.83 -0.98 6.47
C TRP C 38 21.88 -2.39 5.87
N PRO C 39 22.26 -2.53 4.61
CA PRO C 39 22.40 -3.87 4.03
C PRO C 39 23.44 -4.69 4.78
N GLU C 40 23.13 -5.97 4.98
CA GLU C 40 24.03 -6.87 5.69
C GLU C 40 23.97 -8.23 5.02
N TYR C 41 25.05 -8.99 5.16
CA TYR C 41 25.11 -10.34 4.62
C TYR C 41 24.26 -11.28 5.47
N ILE C 42 23.86 -12.41 4.87
CA ILE C 42 23.02 -13.36 5.57
C ILE C 42 23.79 -13.96 6.73
N LYS C 43 23.17 -13.96 7.90
CA LYS C 43 23.75 -14.57 9.09
C LYS C 43 23.40 -16.06 9.13
N ASP C 44 24.10 -16.78 10.01
CA ASP C 44 23.87 -18.22 10.14
C ASP C 44 22.43 -18.53 10.55
N SER C 45 21.84 -17.68 11.40
CA SER C 45 20.48 -17.93 11.87
C SER C 45 19.47 -17.88 10.73
N GLN C 52 28.30 -23.18 -2.74
CA GLN C 52 29.37 -22.24 -2.47
C GLN C 52 28.93 -20.83 -2.87
N PRO C 53 28.84 -19.88 -1.95
CA PRO C 53 28.40 -18.54 -2.33
C PRO C 53 29.46 -17.79 -3.14
N THR C 54 28.97 -16.87 -3.97
CA THR C 54 29.82 -16.01 -4.77
C THR C 54 29.66 -14.57 -4.30
N GLU C 55 30.78 -13.93 -3.95
CA GLU C 55 30.79 -12.58 -3.40
C GLU C 55 31.70 -11.71 -4.25
N PRO C 56 31.14 -11.01 -5.25
CA PRO C 56 32.00 -10.13 -6.07
C PRO C 56 32.68 -9.03 -5.28
N ASP C 57 32.11 -8.62 -4.15
CA ASP C 57 32.73 -7.62 -3.27
C ASP C 57 32.84 -6.32 -4.06
N VAL C 58 33.99 -5.61 -3.98
CA VAL C 58 34.11 -4.32 -4.64
C VAL C 58 33.98 -4.43 -6.14
N ALA C 59 34.23 -5.61 -6.71
CA ALA C 59 34.13 -5.77 -8.16
C ALA C 59 32.72 -5.43 -8.66
N ALA C 60 31.70 -5.68 -7.84
CA ALA C 60 30.33 -5.36 -8.20
C ALA C 60 29.73 -4.23 -7.37
N CYS C 61 30.17 -4.05 -6.12
CA CYS C 61 29.64 -3.02 -5.25
C CYS C 61 30.26 -1.67 -5.63
N ARG C 62 29.72 -1.07 -6.68
CA ARG C 62 30.17 0.23 -7.14
C ARG C 62 29.00 0.95 -7.79
N PHE C 63 29.17 2.26 -7.98
CA PHE C 63 28.12 3.09 -8.56
C PHE C 63 28.09 2.96 -10.07
N TYR C 64 26.89 2.77 -10.61
CA TYR C 64 26.64 2.78 -12.04
C TYR C 64 25.61 3.86 -12.34
N THR C 65 25.85 4.61 -13.41
CA THR C 65 24.99 5.72 -13.80
C THR C 65 23.98 5.25 -14.84
N LEU C 66 22.70 5.46 -14.55
CA LEU C 66 21.64 5.13 -15.49
C LEU C 66 21.38 6.31 -16.41
N ASP C 67 20.55 6.08 -17.43
CA ASP C 67 20.25 7.11 -18.41
C ASP C 67 19.68 8.35 -17.74
N THR C 68 20.24 9.51 -18.08
CA THR C 68 19.76 10.77 -17.55
C THR C 68 18.45 11.16 -18.22
N VAL C 69 17.47 11.56 -17.42
CA VAL C 69 16.16 11.94 -17.92
C VAL C 69 16.05 13.47 -17.90
N THR C 70 15.04 13.97 -18.61
CA THR C 70 14.81 15.41 -18.71
C THR C 70 13.55 15.77 -17.92
N TRP C 71 13.67 16.79 -17.08
CA TRP C 71 12.55 17.32 -16.31
C TRP C 71 12.04 18.57 -17.01
N ARG C 72 10.77 18.53 -17.41
CA ARG C 72 10.10 19.63 -18.10
C ARG C 72 8.86 20.02 -17.31
N LYS C 73 8.15 21.04 -17.82
CA LYS C 73 6.93 21.47 -17.17
C LYS C 73 5.84 20.41 -17.27
N GLU C 74 5.84 19.62 -18.34
CA GLU C 74 4.81 18.61 -18.56
C GLU C 74 5.20 17.24 -18.00
N SER C 75 6.37 17.11 -17.38
CA SER C 75 6.79 15.82 -16.86
C SER C 75 5.84 15.34 -15.77
N ARG C 76 5.47 14.07 -15.84
CA ARG C 76 4.57 13.46 -14.88
C ARG C 76 5.26 12.55 -13.88
N GLY C 77 6.52 12.15 -14.14
CA GLY C 77 7.24 11.29 -13.23
C GLY C 77 7.94 10.15 -13.95
N TRP C 78 8.86 9.49 -13.25
CA TRP C 78 9.62 8.37 -13.81
C TRP C 78 9.68 7.26 -12.77
N TRP C 79 9.87 6.03 -13.26
CA TRP C 79 9.96 4.87 -12.38
C TRP C 79 10.98 3.89 -12.92
N TRP C 80 11.74 3.29 -12.00
CA TRP C 80 12.72 2.27 -12.31
C TRP C 80 12.53 1.10 -11.36
N LYS C 81 12.94 -0.09 -11.80
CA LYS C 81 12.87 -1.30 -11.02
C LYS C 81 14.27 -1.82 -10.70
N LEU C 82 14.44 -2.32 -9.48
CA LEU C 82 15.69 -2.89 -9.03
C LEU C 82 15.48 -4.30 -8.50
N PRO C 83 16.41 -5.24 -8.78
CA PRO C 83 17.69 -5.02 -9.48
C PRO C 83 17.57 -5.03 -11.00
N ASP C 84 16.37 -4.72 -11.51
CA ASP C 84 16.17 -4.72 -12.97
C ASP C 84 17.06 -3.70 -13.65
N ALA C 85 17.15 -2.49 -13.09
CA ALA C 85 17.89 -1.42 -13.73
C ALA C 85 19.37 -1.75 -13.86
N LEU C 86 19.89 -2.71 -13.09
CA LEU C 86 21.29 -3.08 -13.11
C LEU C 86 21.55 -4.35 -13.92
N LYS C 87 20.59 -4.78 -14.74
CA LYS C 87 20.75 -6.03 -15.47
C LYS C 87 21.92 -5.98 -16.44
N ASP C 88 22.23 -4.80 -16.98
CA ASP C 88 23.29 -4.64 -17.96
C ASP C 88 24.52 -3.93 -17.40
N MET C 89 24.59 -3.73 -16.08
CA MET C 89 25.69 -2.96 -15.48
C MET C 89 26.82 -3.92 -15.08
N GLY C 90 27.51 -4.42 -16.11
CA GLY C 90 28.76 -5.12 -15.89
C GLY C 90 28.62 -6.36 -15.01
N LEU C 91 29.51 -6.46 -14.02
CA LEU C 91 29.66 -7.69 -13.26
C LEU C 91 28.39 -8.01 -12.48
N PHE C 92 27.68 -6.99 -11.99
CA PHE C 92 26.44 -7.26 -11.25
C PHE C 92 25.43 -7.99 -12.13
N GLY C 93 25.20 -7.46 -13.34
CA GLY C 93 24.28 -8.13 -14.25
C GLY C 93 24.78 -9.48 -14.69
N GLN C 94 26.10 -9.60 -14.90
CA GLN C 94 26.66 -10.89 -15.29
C GLN C 94 26.42 -11.94 -14.22
N ASN C 95 26.64 -11.58 -12.95
CA ASN C 95 26.39 -12.51 -11.85
C ASN C 95 24.90 -12.82 -11.72
N MET C 96 24.04 -11.81 -11.91
CA MET C 96 22.60 -12.06 -11.87
C MET C 96 22.16 -13.05 -12.94
N PHE C 97 22.70 -12.94 -14.16
CA PHE C 97 22.36 -13.86 -15.24
C PHE C 97 23.10 -15.18 -15.18
N TYR C 98 24.17 -15.29 -14.38
CA TYR C 98 24.90 -16.54 -14.24
C TYR C 98 24.47 -17.36 -13.04
N HIS C 99 23.94 -16.71 -12.00
CA HIS C 99 23.56 -17.38 -10.76
C HIS C 99 22.04 -17.36 -10.61
N TYR C 100 21.48 -18.49 -10.19
CA TYR C 100 20.02 -18.60 -10.11
C TYR C 100 19.45 -17.66 -9.05
N LEU C 101 20.06 -17.63 -7.88
CA LEU C 101 19.56 -16.85 -6.75
C LEU C 101 20.55 -15.76 -6.39
N GLY C 102 20.03 -14.70 -5.78
CA GLY C 102 20.89 -13.60 -5.38
C GLY C 102 20.26 -12.74 -4.31
N ARG C 103 21.09 -11.89 -3.73
CA ARG C 103 20.67 -10.99 -2.66
C ARG C 103 21.63 -9.81 -2.63
N ALA C 104 21.09 -8.61 -2.51
CA ALA C 104 21.91 -7.41 -2.44
C ALA C 104 21.03 -6.21 -2.10
N GLY C 105 21.58 -5.33 -1.25
CA GLY C 105 20.98 -4.03 -1.00
C GLY C 105 21.38 -3.01 -2.05
N TYR C 106 20.83 -1.81 -1.92
CA TYR C 106 21.05 -0.78 -2.92
C TYR C 106 21.36 0.55 -2.24
N THR C 107 22.20 1.34 -2.92
CA THR C 107 22.44 2.73 -2.57
C THR C 107 22.06 3.57 -3.78
N VAL C 108 21.04 4.41 -3.62
CA VAL C 108 20.46 5.19 -4.72
C VAL C 108 20.85 6.65 -4.50
N HIS C 109 21.29 7.31 -5.57
CA HIS C 109 21.65 8.72 -5.54
C HIS C 109 20.94 9.42 -6.68
N VAL C 110 20.13 10.42 -6.36
CA VAL C 110 19.39 11.20 -7.34
C VAL C 110 20.01 12.60 -7.39
N GLN C 111 20.41 13.04 -8.58
CA GLN C 111 21.00 14.35 -8.78
C GLN C 111 20.09 15.17 -9.68
N CYS C 112 19.76 16.38 -9.21
CA CYS C 112 18.91 17.32 -9.95
C CYS C 112 19.49 18.72 -9.74
N ASN C 113 20.36 19.14 -10.66
CA ASN C 113 21.01 20.42 -10.55
C ASN C 113 20.03 21.55 -10.87
N ALA C 114 20.19 22.66 -10.15
CA ALA C 114 19.36 23.84 -10.38
C ALA C 114 20.08 25.05 -9.82
N SER C 115 19.69 26.23 -10.30
CA SER C 115 20.26 27.49 -9.86
C SER C 115 19.31 28.18 -8.89
N LYS C 116 19.70 29.38 -8.45
CA LYS C 116 18.88 30.14 -7.51
C LYS C 116 17.60 30.69 -8.13
N PHE C 117 17.50 30.69 -9.47
CA PHE C 117 16.34 31.21 -10.15
C PHE C 117 15.34 30.13 -10.54
N HIS C 118 15.60 28.88 -10.16
CA HIS C 118 14.75 27.76 -10.53
C HIS C 118 13.72 27.48 -9.44
N GLN C 119 12.64 26.82 -9.84
CA GLN C 119 11.55 26.47 -8.94
C GLN C 119 11.13 25.03 -9.21
N GLY C 120 10.66 24.35 -8.17
CA GLY C 120 10.19 22.99 -8.27
C GLY C 120 10.75 22.12 -7.17
N ALA C 121 10.24 20.89 -7.12
CA ALA C 121 10.67 19.93 -6.11
C ALA C 121 10.39 18.53 -6.60
N LEU C 122 11.29 17.60 -6.30
CA LEU C 122 11.15 16.20 -6.68
C LEU C 122 10.98 15.34 -5.44
N GLY C 123 10.13 14.32 -5.55
CA GLY C 123 9.96 13.34 -4.50
C GLY C 123 10.47 11.98 -4.96
N VAL C 124 11.45 11.46 -4.23
CA VAL C 124 12.06 10.17 -4.53
C VAL C 124 11.51 9.17 -3.52
N PHE C 125 10.89 8.11 -4.03
CA PHE C 125 10.25 7.10 -3.18
C PHE C 125 10.83 5.74 -3.50
N ALA C 126 11.24 5.02 -2.46
CA ALA C 126 11.70 3.64 -2.56
C ALA C 126 10.57 2.74 -2.10
N VAL C 127 9.97 2.02 -3.05
CA VAL C 127 8.76 1.24 -2.83
C VAL C 127 9.13 -0.24 -2.86
N PRO C 128 8.90 -1.00 -1.79
CA PRO C 128 9.04 -2.45 -1.89
C PRO C 128 7.84 -3.07 -2.57
N GLU C 129 8.11 -3.98 -3.50
CA GLU C 129 7.06 -4.65 -4.27
C GLU C 129 6.20 -3.63 -5.02
N MET C 130 6.86 -2.82 -5.83
CA MET C 130 6.20 -1.77 -6.59
C MET C 130 5.45 -2.38 -7.77
N CYS C 131 4.21 -2.80 -7.50
CA CYS C 131 3.36 -3.35 -8.54
C CYS C 131 2.56 -2.22 -9.20
N LEU C 132 2.57 -2.21 -10.53
CA LEU C 132 1.92 -1.16 -11.31
C LEU C 132 0.73 -1.73 -12.08
N ALA C 133 -0.31 -0.92 -12.22
CA ALA C 133 -1.50 -1.36 -12.93
C ALA C 133 -1.22 -1.48 -14.43
N GLY C 134 -1.86 -2.48 -15.05
CA GLY C 134 -1.71 -2.69 -16.47
C GLY C 134 -2.60 -1.79 -17.30
N ASP C 135 -2.34 -1.80 -18.61
CA ASP C 135 -3.11 -0.99 -19.56
C ASP C 135 -4.20 -1.79 -20.26
N SER C 136 -4.36 -3.07 -19.95
CA SER C 136 -5.29 -3.95 -20.64
C SER C 136 -6.43 -4.35 -19.72
N THR C 137 -7.55 -4.72 -20.33
CA THR C 137 -8.70 -5.19 -19.56
C THR C 137 -8.38 -6.47 -18.81
N THR C 138 -7.63 -7.38 -19.44
CA THR C 138 -7.26 -8.63 -18.78
C THR C 138 -6.38 -8.33 -17.57
N HIS C 139 -6.62 -9.05 -16.48
CA HIS C 139 -5.91 -8.77 -15.23
C HIS C 139 -4.46 -9.25 -15.33
N MET C 140 -3.53 -8.38 -14.92
CA MET C 140 -2.11 -8.72 -14.85
C MET C 140 -1.60 -9.28 -16.18
N PHE C 141 -2.02 -8.67 -17.28
CA PHE C 141 -1.75 -9.22 -18.60
C PHE C 141 -0.49 -8.63 -19.23
N THR C 142 0.20 -7.73 -18.52
CA THR C 142 1.47 -7.20 -18.99
C THR C 142 2.48 -8.33 -19.16
N LYS C 143 3.27 -8.26 -20.23
CA LYS C 143 4.31 -9.26 -20.46
C LYS C 143 5.55 -8.95 -19.64
N TYR C 144 6.46 -9.92 -19.58
CA TYR C 144 7.73 -9.72 -18.89
C TYR C 144 8.57 -8.64 -19.57
N GLU C 145 8.58 -8.65 -20.92
CA GLU C 145 9.45 -7.73 -21.65
C GLU C 145 9.05 -6.27 -21.46
N ASN C 146 7.78 -5.99 -21.16
CA ASN C 146 7.33 -4.63 -20.92
C ASN C 146 7.33 -4.27 -19.44
N ALA C 147 7.24 -5.26 -18.55
CA ALA C 147 7.33 -5.02 -17.12
C ALA C 147 8.77 -4.91 -16.63
N ASN C 148 9.75 -5.10 -17.50
CA ASN C 148 11.16 -5.02 -17.15
C ASN C 148 11.87 -4.10 -18.15
N PRO C 149 11.60 -2.79 -18.09
CA PRO C 149 12.19 -1.88 -19.07
C PRO C 149 13.71 -1.88 -19.06
N GLY C 150 14.34 -2.07 -17.90
CA GLY C 150 15.79 -2.06 -17.82
C GLY C 150 16.33 -0.73 -17.35
N GLU C 151 17.45 -0.30 -17.95
CA GLU C 151 18.09 0.94 -17.53
C GLU C 151 17.24 2.16 -17.83
N LYS C 152 16.34 2.09 -18.80
CA LYS C 152 15.55 3.24 -19.21
C LYS C 152 14.31 3.48 -18.35
N GLY C 153 13.94 2.52 -17.50
CA GLY C 153 12.78 2.72 -16.65
C GLY C 153 11.52 2.98 -17.45
N GLY C 154 10.73 3.92 -16.97
CA GLY C 154 9.47 4.24 -17.62
C GLY C 154 8.98 5.61 -17.22
N GLU C 155 7.71 5.88 -17.56
CA GLU C 155 7.10 7.18 -17.34
C GLU C 155 5.72 6.99 -16.72
N PHE C 156 5.26 8.04 -16.04
CA PHE C 156 3.92 8.09 -15.47
C PHE C 156 2.99 8.87 -16.39
N LYS C 157 1.72 8.50 -16.37
CA LYS C 157 0.70 9.16 -17.16
C LYS C 157 -0.21 10.01 -16.26
N GLY C 158 -0.81 11.03 -16.86
CA GLY C 158 -1.72 11.89 -16.15
C GLY C 158 -3.13 11.36 -16.03
N SER C 159 -3.46 10.31 -16.76
CA SER C 159 -4.78 9.71 -16.70
C SER C 159 -4.69 8.26 -17.16
N PHE C 160 -5.73 7.49 -16.85
CA PHE C 160 -5.76 6.09 -17.21
C PHE C 160 -6.28 5.92 -18.63
N THR C 161 -5.48 5.28 -19.48
CA THR C 161 -5.85 4.97 -20.85
C THR C 161 -5.98 3.46 -21.00
N LEU C 162 -7.11 3.01 -21.54
CA LEU C 162 -7.38 1.59 -21.70
C LEU C 162 -6.94 1.14 -23.09
N ASP C 163 -6.14 0.08 -23.13
CA ASP C 163 -5.65 -0.46 -24.40
C ASP C 163 -6.74 -1.32 -25.02
N THR C 164 -7.32 -0.84 -26.11
CA THR C 164 -8.39 -1.54 -26.81
C THR C 164 -7.88 -2.33 -28.01
N ASN C 165 -6.57 -2.39 -28.22
CA ASN C 165 -5.99 -3.12 -29.34
C ASN C 165 -6.03 -4.62 -29.02
N ALA C 166 -7.21 -5.21 -29.25
CA ALA C 166 -7.39 -6.63 -28.97
C ALA C 166 -6.49 -7.50 -29.83
N THR C 167 -6.31 -7.13 -31.10
CA THR C 167 -5.50 -7.96 -31.99
C THR C 167 -4.05 -8.03 -31.52
N ASN C 168 -3.47 -6.88 -31.17
CA ASN C 168 -2.07 -6.79 -30.74
C ASN C 168 -2.01 -5.92 -29.49
N PRO C 169 -2.43 -6.45 -28.34
CA PRO C 169 -2.37 -5.64 -27.10
C PRO C 169 -0.95 -5.20 -26.79
N ALA C 170 -0.83 -3.97 -26.31
CA ALA C 170 0.48 -3.45 -25.94
C ALA C 170 1.08 -4.23 -24.78
N ARG C 171 0.25 -4.60 -23.80
CA ARG C 171 0.70 -5.34 -22.63
C ARG C 171 1.77 -4.56 -21.87
N ASN C 172 1.54 -3.28 -21.69
CA ASN C 172 2.42 -2.39 -20.94
C ASN C 172 1.70 -1.89 -19.69
N PHE C 173 2.46 -1.30 -18.77
CA PHE C 173 1.88 -0.71 -17.58
C PHE C 173 1.23 0.62 -17.92
N CYS C 174 0.31 1.04 -17.06
CA CYS C 174 -0.38 2.33 -17.22
C CYS C 174 -0.38 3.06 -15.88
N PRO C 175 0.80 3.47 -15.41
CA PRO C 175 0.86 4.23 -14.15
C PRO C 175 0.13 5.56 -14.27
N VAL C 176 -0.50 5.96 -13.16
CA VAL C 176 -1.17 7.25 -13.06
C VAL C 176 -0.50 8.03 -11.94
N ASP C 177 -0.10 9.26 -12.22
CA ASP C 177 0.72 10.02 -11.29
C ASP C 177 0.02 10.20 -9.95
N TYR C 178 -1.25 10.62 -9.97
CA TYR C 178 -1.96 10.88 -8.72
C TYR C 178 -2.42 9.59 -8.04
N LEU C 179 -2.40 8.46 -8.75
CA LEU C 179 -2.67 7.16 -8.14
C LEU C 179 -1.40 6.39 -7.82
N PHE C 180 -0.24 6.97 -8.10
CA PHE C 180 1.04 6.32 -7.80
C PHE C 180 1.24 5.06 -8.63
N GLY C 181 0.36 4.82 -9.60
CA GLY C 181 0.43 3.65 -10.43
C GLY C 181 -0.09 2.37 -9.81
N SER C 182 -0.61 2.43 -8.57
CA SER C 182 -1.09 1.25 -7.87
C SER C 182 -2.45 1.50 -7.21
N GLY C 183 -3.20 2.50 -7.68
CA GLY C 183 -4.49 2.79 -7.10
C GLY C 183 -4.47 3.38 -5.71
N VAL C 184 -3.37 4.03 -5.34
CA VAL C 184 -3.22 4.65 -4.03
C VAL C 184 -2.86 6.11 -4.22
N LEU C 185 -3.50 6.98 -3.44
CA LEU C 185 -3.27 8.42 -3.58
C LEU C 185 -1.79 8.73 -3.40
N ALA C 186 -1.27 9.59 -4.28
CA ALA C 186 0.15 9.92 -4.25
C ALA C 186 0.55 10.52 -2.91
N GLY C 187 -0.37 11.23 -2.24
CA GLY C 187 -0.05 11.84 -0.97
C GLY C 187 0.38 10.84 0.10
N ASN C 188 -0.17 9.62 0.07
CA ASN C 188 0.21 8.57 0.99
C ASN C 188 1.51 7.89 0.60
N ALA C 189 2.06 8.18 -0.57
CA ALA C 189 3.28 7.53 -1.01
C ALA C 189 4.45 7.81 -0.08
N PHE C 190 4.33 8.85 0.76
CA PHE C 190 5.39 9.15 1.73
C PHE C 190 5.47 8.12 2.83
N VAL C 191 4.53 7.18 2.92
CA VAL C 191 4.67 6.09 3.88
C VAL C 191 5.94 5.30 3.62
N TYR C 192 6.31 5.12 2.34
CA TYR C 192 7.53 4.44 1.99
C TYR C 192 8.74 5.29 2.35
N PRO C 193 9.92 4.68 2.50
CA PRO C 193 11.14 5.49 2.64
C PRO C 193 11.28 6.45 1.48
N HIS C 194 11.50 7.72 1.78
CA HIS C 194 11.42 8.75 0.76
C HIS C 194 12.39 9.88 1.08
N GLN C 195 12.66 10.68 0.05
CA GLN C 195 13.45 11.90 0.17
C GLN C 195 12.81 12.98 -0.71
N ILE C 196 13.07 14.23 -0.34
CA ILE C 196 12.56 15.38 -1.06
C ILE C 196 13.74 16.22 -1.52
N ILE C 197 13.87 16.40 -2.84
CA ILE C 197 14.89 17.24 -3.43
C ILE C 197 14.21 18.57 -3.76
N ASN C 198 14.43 19.57 -2.91
CA ASN C 198 13.91 20.91 -3.12
C ASN C 198 15.00 21.76 -3.75
N LEU C 199 14.71 22.34 -4.91
CA LEU C 199 15.73 23.07 -5.66
C LEU C 199 16.27 24.26 -4.90
N ARG C 200 15.57 24.76 -3.88
CA ARG C 200 16.02 25.90 -3.11
C ARG C 200 16.85 25.52 -1.88
N THR C 201 16.96 24.22 -1.58
CA THR C 201 17.74 23.77 -0.43
C THR C 201 18.77 22.71 -0.78
N ASN C 202 18.46 21.79 -1.68
CA ASN C 202 19.38 20.71 -2.03
C ASN C 202 19.09 20.24 -3.45
N ASN C 203 20.15 19.93 -4.19
CA ASN C 203 20.03 19.49 -5.58
C ASN C 203 20.26 18.00 -5.74
N CYS C 204 20.37 17.25 -4.64
CA CYS C 204 20.57 15.80 -4.73
C CYS C 204 20.08 15.16 -3.44
N ALA C 205 19.86 13.85 -3.52
CA ALA C 205 19.39 13.07 -2.38
C ALA C 205 19.95 11.65 -2.49
N THR C 206 19.99 10.97 -1.35
CA THR C 206 20.53 9.62 -1.26
C THR C 206 19.61 8.74 -0.43
N LEU C 207 19.50 7.48 -0.82
CA LEU C 207 18.69 6.48 -0.13
C LEU C 207 19.50 5.20 0.03
N VAL C 208 19.32 4.53 1.17
CA VAL C 208 19.94 3.25 1.45
C VAL C 208 18.82 2.23 1.64
N LEU C 209 18.73 1.27 0.74
CA LEU C 209 17.65 0.29 0.74
C LEU C 209 18.20 -1.09 1.07
N PRO C 210 17.90 -1.66 2.24
CA PRO C 210 18.33 -3.02 2.52
C PRO C 210 17.51 -4.04 1.75
N TYR C 211 18.04 -5.25 1.67
CA TYR C 211 17.33 -6.33 0.97
C TYR C 211 16.00 -6.60 1.67
N VAL C 212 14.93 -6.64 0.88
CA VAL C 212 13.58 -6.84 1.39
C VAL C 212 12.93 -7.96 0.60
N ASN C 213 12.49 -9.01 1.29
CA ASN C 213 11.82 -10.14 0.66
C ASN C 213 11.38 -11.09 1.76
N SER C 214 10.49 -12.02 1.40
CA SER C 214 10.07 -13.06 2.32
C SER C 214 11.06 -14.23 2.38
N LEU C 215 12.07 -14.24 1.53
CA LEU C 215 13.08 -15.27 1.51
C LEU C 215 14.46 -14.65 1.75
N SER C 216 15.36 -15.43 2.35
CA SER C 216 16.72 -14.96 2.54
C SER C 216 17.39 -14.65 1.20
N ILE C 217 17.19 -15.53 0.21
CA ILE C 217 17.67 -15.32 -1.15
C ILE C 217 16.52 -15.63 -2.11
N ASP C 218 16.58 -15.02 -3.28
CA ASP C 218 15.54 -15.18 -4.27
C ASP C 218 16.13 -14.95 -5.65
N SER C 219 15.41 -15.41 -6.68
CA SER C 219 15.89 -15.28 -8.05
C SER C 219 16.06 -13.81 -8.42
N MET C 220 17.12 -13.53 -9.16
CA MET C 220 17.43 -12.17 -9.61
C MET C 220 16.82 -11.83 -10.95
N THR C 221 16.08 -12.76 -11.57
CA THR C 221 15.43 -12.53 -12.84
C THR C 221 13.91 -12.64 -12.78
N LYS C 222 13.37 -13.45 -11.88
CA LYS C 222 11.93 -13.60 -11.75
C LYS C 222 11.29 -12.58 -10.83
N HIS C 223 12.06 -12.03 -9.89
CA HIS C 223 11.49 -11.17 -8.84
C HIS C 223 12.27 -9.86 -8.78
N ASN C 224 11.54 -8.75 -8.67
CA ASN C 224 12.13 -7.43 -8.47
C ASN C 224 11.93 -7.00 -7.03
N ASN C 225 13.01 -6.54 -6.40
CA ASN C 225 13.03 -6.26 -4.98
C ASN C 225 12.57 -4.84 -4.63
N TRP C 226 12.90 -3.85 -5.45
CA TRP C 226 12.63 -2.46 -5.12
C TRP C 226 12.17 -1.69 -6.35
N GLY C 227 11.51 -0.56 -6.11
CA GLY C 227 11.18 0.38 -7.16
C GLY C 227 11.53 1.79 -6.74
N ILE C 228 12.06 2.57 -7.67
CA ILE C 228 12.44 3.95 -7.44
C ILE C 228 11.51 4.83 -8.25
N ALA C 229 10.73 5.67 -7.58
CA ALA C 229 9.77 6.55 -8.21
C ALA C 229 10.17 8.00 -7.99
N ILE C 230 10.30 8.75 -9.07
CA ILE C 230 10.63 10.17 -9.02
C ILE C 230 9.39 10.93 -9.50
N LEU C 231 8.79 11.71 -8.60
CA LEU C 231 7.57 12.44 -8.94
C LEU C 231 7.81 13.95 -8.84
N PRO C 232 7.17 14.73 -9.72
CA PRO C 232 7.31 16.21 -9.64
C PRO C 232 6.37 16.83 -8.60
N LEU C 233 6.84 16.84 -7.34
CA LEU C 233 6.00 17.32 -6.26
C LEU C 233 5.58 18.78 -6.47
N ALA C 234 6.43 19.56 -7.13
CA ALA C 234 6.12 20.94 -7.47
C ALA C 234 6.47 21.20 -8.93
N PRO C 235 5.75 22.10 -9.60
CA PRO C 235 6.03 22.37 -11.01
C PRO C 235 7.41 22.96 -11.21
N LEU C 236 8.00 22.66 -12.36
CA LEU C 236 9.31 23.18 -12.72
C LEU C 236 9.15 24.53 -13.40
N ASP C 237 9.91 25.53 -12.96
CA ASP C 237 9.86 26.85 -13.53
C ASP C 237 11.23 27.49 -13.38
N PHE C 238 11.50 28.49 -14.23
CA PHE C 238 12.78 29.19 -14.22
C PHE C 238 12.55 30.63 -14.60
N ALA C 239 12.91 31.55 -13.70
CA ALA C 239 12.78 32.98 -13.93
C ALA C 239 11.42 33.30 -14.55
N THR C 240 11.41 33.96 -15.71
CA THR C 240 10.19 34.28 -16.44
C THR C 240 10.20 33.62 -17.83
N GLU C 241 11.04 32.62 -18.02
CA GLU C 241 11.13 31.93 -19.29
C GLU C 241 9.90 31.05 -19.51
N SER C 242 9.57 30.84 -20.79
CA SER C 242 8.41 30.03 -21.15
C SER C 242 8.70 28.54 -21.13
N SER C 243 9.96 28.14 -21.08
CA SER C 243 10.31 26.72 -21.08
C SER C 243 11.67 26.54 -20.43
N THR C 244 11.85 25.42 -19.72
CA THR C 244 13.12 25.10 -19.10
C THR C 244 13.19 23.58 -18.92
N GLU C 245 14.42 23.07 -18.96
CA GLU C 245 14.69 21.64 -18.83
C GLU C 245 15.79 21.43 -17.79
N ILE C 246 15.61 20.42 -16.94
CA ILE C 246 16.58 20.11 -15.90
C ILE C 246 16.98 18.64 -16.04
N PRO C 247 18.26 18.33 -16.25
CA PRO C 247 18.67 16.92 -16.21
C PRO C 247 18.48 16.31 -14.83
N ILE C 248 18.02 15.07 -14.79
CA ILE C 248 17.93 14.28 -13.57
C ILE C 248 18.73 13.01 -13.80
N THR C 249 19.69 12.75 -12.91
CA THR C 249 20.58 11.60 -13.01
C THR C 249 20.31 10.65 -11.85
N LEU C 250 20.28 9.36 -12.14
CA LEU C 250 20.03 8.33 -11.14
C LEU C 250 21.22 7.36 -11.15
N THR C 251 21.99 7.37 -10.07
CA THR C 251 23.18 6.53 -9.94
C THR C 251 22.97 5.54 -8.81
N ILE C 252 23.14 4.26 -9.10
CA ILE C 252 22.77 3.19 -8.16
C ILE C 252 23.96 2.26 -7.98
N ALA C 253 24.16 1.81 -6.74
CA ALA C 253 25.25 0.89 -6.43
C ALA C 253 24.74 -0.28 -5.61
N PRO C 254 25.02 -1.52 -6.02
CA PRO C 254 24.66 -2.67 -5.18
C PRO C 254 25.58 -2.79 -3.97
N MET C 255 25.04 -3.39 -2.93
CA MET C 255 25.74 -3.53 -1.65
C MET C 255 25.55 -4.95 -1.13
N CYS C 256 26.61 -5.49 -0.52
CA CYS C 256 26.58 -6.83 0.06
C CYS C 256 26.09 -7.85 -0.96
N CYS C 257 26.70 -7.82 -2.14
CA CYS C 257 26.31 -8.72 -3.21
C CYS C 257 26.53 -10.18 -2.78
N GLU C 258 25.54 -11.02 -3.05
CA GLU C 258 25.64 -12.46 -2.80
C GLU C 258 24.91 -13.17 -3.91
N PHE C 259 25.55 -14.17 -4.52
CA PHE C 259 24.99 -14.91 -5.63
C PHE C 259 25.18 -16.40 -5.40
N ASN C 260 24.20 -17.18 -5.86
CA ASN C 260 24.13 -18.61 -5.56
C ASN C 260 23.48 -19.35 -6.72
N GLY C 261 23.82 -20.63 -6.82
CA GLY C 261 23.24 -21.48 -7.86
C GLY C 261 23.83 -21.20 -9.22
N LEU C 262 25.14 -21.41 -9.37
CA LEU C 262 25.78 -21.20 -10.66
C LEU C 262 25.23 -22.16 -11.70
N ARG C 263 24.96 -21.63 -12.89
CA ARG C 263 24.38 -22.42 -13.97
C ARG C 263 24.67 -21.72 -15.30
N ASN C 264 24.11 -22.25 -16.38
CA ASN C 264 24.30 -21.66 -17.69
C ASN C 264 23.69 -20.27 -17.72
N ILE C 265 24.29 -19.39 -18.54
CA ILE C 265 23.84 -18.01 -18.63
C ILE C 265 22.37 -17.96 -19.03
N THR C 266 21.63 -17.05 -18.38
CA THR C 266 20.23 -16.83 -18.70
C THR C 266 20.10 -15.64 -19.63
N VAL C 267 19.34 -15.81 -20.71
CA VAL C 267 19.14 -14.78 -21.72
C VAL C 267 17.66 -14.46 -21.80
N PRO C 268 17.18 -13.47 -21.05
CA PRO C 268 15.75 -13.13 -21.11
C PRO C 268 15.35 -12.67 -22.51
N ARG C 269 14.11 -13.00 -22.87
CA ARG C 269 13.58 -12.60 -24.17
C ARG C 269 13.34 -11.09 -24.20
N THR C 270 13.44 -10.53 -25.40
CA THR C 270 13.25 -9.10 -25.63
C THR C 270 12.13 -8.88 -26.64
N GLN C 271 11.79 -7.61 -26.85
CA GLN C 271 10.75 -7.22 -27.79
C GLN C 271 9.39 -7.77 -27.37
C1 SPH D . -1.54 -13.76 0.16
O1 SPH D . -2.69 -13.92 -0.64
C2 SPH D . -1.36 -14.95 1.10
N2 SPH D . 0.05 -15.32 1.12
C3 SPH D . -1.82 -14.59 2.50
O3 SPH D . -3.11 -14.01 2.47
C4 SPH D . -1.83 -15.79 3.41
C5 SPH D . -3.08 -16.50 3.69
C6 SPH D . -3.22 -17.27 4.99
C7 SPH D . -2.77 -18.72 4.82
C8 SPH D . -3.90 -19.58 4.25
C9 SPH D . -3.77 -21.03 4.69
C10 SPH D . -4.99 -21.83 4.25
C11 SPH D . -5.13 -23.13 5.04
C12 SPH D . -6.50 -23.76 4.80
C13 SPH D . -6.81 -24.85 5.82
C14 SPH D . -8.31 -25.02 5.99
C15 SPH D . -8.65 -26.42 6.50
C16 SPH D . -10.13 -26.76 6.26
C17 SPH D . -10.48 -28.11 6.87
C18 SPH D . -11.83 -28.60 6.38
#